data_7FIN
#
_entry.id   7FIN
#
_cell.length_a   1.00
_cell.length_b   1.00
_cell.length_c   1.00
_cell.angle_alpha   90.00
_cell.angle_beta   90.00
_cell.angle_gamma   90.00
#
_symmetry.space_group_name_H-M   'P 1'
#
loop_
_entity.id
_entity.type
_entity.pdbx_description
1 polymer 'Gastric inhibitory polypeptide receptor,human glucose-dependent insulinotropic polypeptide receptor'
2 polymer 'Peptide 20'
3 polymer 'Guanine nucleotide-binding protein G(s) subunit alpha isoforms short'
4 polymer 'Guanine nucleotide-binding protein G(I)/G(S)/G(T) subunit beta-1'
5 polymer 'Guanine nucleotide-binding protein G(I)/G(S)/G(O) subunit gamma-2'
6 polymer Nanobody-35
7 non-polymer CHOLESTEROL
8 non-polymer 'GAMMA-L-GLUTAMIC ACID'
#
loop_
_entity_poly.entity_id
_entity_poly.type
_entity_poly.pdbx_seq_one_letter_code
_entity_poly.pdbx_strand_id
1 'polypeptide(L)'
;RAETGSKGQTAGELYQRWERYRRECQETLAAAEPPSGLACNGSFDMYVCWDYAAPNATARASCPWYLPWHHHVAAGFVLR
QCGSDGQWGLWRDHTQCENPEKNEAFLDQRLILERLQVMYTVGYSLSLATLLLALLILSLFRRLHCTRNYIHINLFTSFM
LRAAAILSRDRLLPRPGPYLGDQALALWNQALAACRTAQIVTQYCVGANYTWLLVEGVYLHSLLVLVGGSEEGHFRYYLL
LGWGAPALFVIPWVIVRYLYENTQCWERNEVKAIWWIIRTPILMTILINFLIFIRILGILLSKLRTRQMRCRDYRLRLAR
STLFLVPLLGVHEVVFAPVTEEQARGALRFAKLGFEIFLSSFQGFLVSVLYCFINKEVQSEIRRGWHHCRLRRSLGEEQR
GSSGGGGSGGGGSSGVFTLEDFVGDWEQTAAYNLDQVLEQGGVSSLLQNLAVSVTPIQRIVRSGENALKIDIHVIIPYEG
LSADQMAQIEEVFKVVYPVDDHHFKVILPYGTLVIDGVTPNMLNYFGRPYEGIAVFDGKKITVTGTLWNGNKIIDERLIT
PDGSMLFRVTINS
;
R
2 'polypeptide(L)' H(AIB)QGTFTSDKSKYLDERAAQDFVQWLLDGGPSSGAPPPS P
3 'polypeptide(L)'
;MGCLGNSKTEDQRNEEKAQREANKKIEKQLQKDKQVYRATHRLLLLGAGESGKNTIVKQMRILHVNGFNGEGGEEDPQAA
RSNSDGEKATKVQDIKNNLKEAIETIVAAMSNLVPPVELANPENQFRVDYILSVMNVPDFDFPPEFYEHAKALWEDEGVR
ACYERSNEYQLIDCAQYFLDKIDVIKQDDYVPSDQDLLRCRVLTSGIFETKFQVDKVNFHMFDVGAQRDERRKWIQCFND
VTAIIFVVASSSYNMVIREDNQTNRLQAALKLFDSIWNNKWLRDTSVILFLNKQDLLAEKVLAGKSKIEDYFPEFARYTT
PEDATPEPGEDPRVTRAKYFIRDEFLRISTASGDGRHYCYPHFTCAVDTENIRRVFNDCRDIIQRMHLRQYELL
;
A
4 'polypeptide(L)'
;MGSLLQSELDQLRQEAEQLKNQIRDARKACADATLSQITNNIDPVGRIQMRTRRTLRGHLAKIYAMHWGTDSRLLVSASQ
DGKLIIWDSYTTNKVHAIPLRSSWVMTCAYAPSGNYVACGGLDNICSIYNLKTREGNVRVSRELAGHTGYLSCCRFLDDN
QIVTSSGDTTCALWDIETGQQTTTFTGHTGDVMSLSLAPDTRLFVSGACDASAKLWDVREGMCRQTFTGHESDINAICFF
PNGNAFATGSDDATCRLFDLRADQELMTYSHDNIICGITSVSFSKSGRLLLAGYDDFNCNVWDALKADRAGVLAGHDNRV
SCLGVTDDGMAVATGSWDSFLKIWNGSSGGGGSGGGGSSGVSGWRLFKKIS
;
B
5 'polypeptide(L)' MASNNTASIAQARKLVEQLKMEANIDRIKVSKAAADLMAYCEAHAKEDPLLTPVPASENPFREKKFFCAIL G
6 'polypeptide(L)'
;MAQVQLQESGGGLVQPGGSLRLSCAASGFTFSNYKMNWVRQAPGKGLEWVSDISQSGASISYTGSVKGRFTISRDNAKNT
LYLQMNSLKPEDTAVYYCARCPAPFTRDCFDVTSTTYAYRGQGTQVTVSSHHHHHHEPEA
;
N
#
# COMPACT_ATOMS: atom_id res chain seq x y z
N GLN A 9 -53.87 17.84 -20.42
CA GLN A 9 -53.68 19.25 -20.08
C GLN A 9 -52.44 19.81 -20.77
N THR A 10 -52.26 19.44 -22.04
CA THR A 10 -51.14 19.91 -22.85
C THR A 10 -51.59 21.01 -23.80
N ALA A 11 -50.61 21.60 -24.48
CA ALA A 11 -50.91 22.68 -25.42
C ALA A 11 -51.58 22.17 -26.69
N GLY A 12 -51.17 20.99 -27.16
CA GLY A 12 -51.79 20.42 -28.35
C GLY A 12 -53.23 20.03 -28.12
N GLU A 13 -53.54 19.51 -26.93
CA GLU A 13 -54.93 19.27 -26.56
C GLU A 13 -55.72 20.57 -26.45
N LEU A 14 -55.05 21.65 -26.04
CA LEU A 14 -55.72 22.96 -26.01
C LEU A 14 -56.06 23.45 -27.41
N TYR A 15 -55.14 23.30 -28.37
CA TYR A 15 -55.44 23.67 -29.75
C TYR A 15 -56.53 22.79 -30.35
N GLN A 16 -56.53 21.50 -30.02
CA GLN A 16 -57.56 20.59 -30.52
C GLN A 16 -58.94 20.92 -29.93
N ARG A 17 -59.00 21.24 -28.63
CA ARG A 17 -60.27 21.63 -28.03
C ARG A 17 -60.75 22.99 -28.53
N TRP A 18 -59.83 23.92 -28.82
CA TRP A 18 -60.23 25.19 -29.40
C TRP A 18 -60.74 25.03 -30.82
N GLU A 19 -60.13 24.14 -31.60
CA GLU A 19 -60.60 23.86 -32.96
C GLU A 19 -61.95 23.17 -32.94
N ARG A 20 -62.16 22.26 -31.97
CA ARG A 20 -63.45 21.58 -31.85
C ARG A 20 -64.54 22.55 -31.40
N TYR A 21 -64.22 23.48 -30.51
CA TYR A 21 -65.19 24.48 -30.09
C TYR A 21 -65.49 25.48 -31.21
N ARG A 22 -64.49 25.81 -32.04
CA ARG A 22 -64.71 26.67 -33.19
C ARG A 22 -65.59 25.99 -34.23
N ARG A 23 -65.37 24.70 -34.46
CA ARG A 23 -66.23 23.94 -35.38
C ARG A 23 -67.64 23.80 -34.84
N GLU A 24 -67.78 23.64 -33.51
CA GLU A 24 -69.11 23.55 -32.91
C GLU A 24 -69.85 24.88 -32.99
N CYS A 25 -69.14 26.00 -32.79
CA CYS A 25 -69.77 27.31 -32.93
C CYS A 25 -70.13 27.59 -34.39
N GLN A 26 -69.30 27.13 -35.33
CA GLN A 26 -69.61 27.32 -36.75
C GLN A 26 -70.84 26.50 -37.15
N GLU A 27 -70.95 25.27 -36.66
CA GLU A 27 -72.14 24.46 -36.92
C GLU A 27 -73.38 25.02 -36.23
N THR A 28 -73.20 25.64 -35.05
CA THR A 28 -74.33 26.26 -34.36
C THR A 28 -74.82 27.50 -35.10
N LEU A 29 -73.89 28.33 -35.61
CA LEU A 29 -74.28 29.50 -36.39
C LEU A 29 -74.84 29.11 -37.75
N ALA A 30 -74.40 27.99 -38.31
CA ALA A 30 -74.97 27.51 -39.56
C ALA A 30 -76.37 26.94 -39.35
N ALA A 31 -76.60 26.30 -38.20
CA ALA A 31 -77.92 25.73 -37.90
C ALA A 31 -78.89 26.74 -37.33
N ALA A 32 -78.43 27.93 -36.96
CA ALA A 32 -79.30 28.94 -36.35
C ALA A 32 -80.18 29.60 -37.41
N ALA A 39 -82.31 42.13 -33.74
CA ALA A 39 -81.60 41.53 -32.61
C ALA A 39 -80.09 41.57 -32.85
N CYS A 40 -79.31 41.51 -31.78
CA CYS A 40 -77.86 41.41 -31.90
C CYS A 40 -77.47 40.03 -32.42
N ASN A 41 -76.82 40.01 -33.58
CA ASN A 41 -76.44 38.76 -34.22
C ASN A 41 -75.23 38.16 -33.51
N GLY A 42 -75.42 36.98 -32.94
CA GLY A 42 -74.31 36.29 -32.30
C GLY A 42 -73.32 35.75 -33.31
N SER A 43 -72.08 35.62 -32.87
CA SER A 43 -70.99 35.28 -33.79
C SER A 43 -69.86 34.65 -32.99
N PHE A 44 -68.74 34.40 -33.66
CA PHE A 44 -67.55 33.82 -33.06
C PHE A 44 -66.47 34.90 -33.07
N ASP A 45 -66.24 35.53 -31.91
CA ASP A 45 -65.21 36.55 -31.75
C ASP A 45 -63.95 35.97 -31.12
N MET A 46 -63.62 34.74 -31.54
CA MET A 46 -62.42 33.97 -31.20
C MET A 46 -62.28 33.62 -29.72
N TYR A 47 -63.25 33.94 -28.88
CA TYR A 47 -63.15 33.59 -27.46
C TYR A 47 -64.31 32.74 -26.99
N VAL A 48 -65.55 33.13 -27.29
CA VAL A 48 -66.72 32.36 -26.93
C VAL A 48 -67.75 32.58 -28.03
N CYS A 49 -68.68 31.63 -28.17
CA CYS A 49 -69.68 31.69 -29.23
C CYS A 49 -70.91 32.41 -28.70
N TRP A 50 -71.33 33.47 -29.40
CA TRP A 50 -72.43 34.31 -28.96
C TRP A 50 -73.68 33.97 -29.76
N ASP A 51 -74.76 33.64 -29.06
CA ASP A 51 -76.05 33.38 -29.67
C ASP A 51 -76.75 34.71 -29.95
N TYR A 52 -77.92 34.66 -30.60
CA TYR A 52 -78.70 35.85 -30.90
C TYR A 52 -79.22 36.47 -29.60
N ALA A 53 -79.07 37.79 -29.49
CA ALA A 53 -79.34 38.49 -28.25
C ALA A 53 -80.46 39.51 -28.44
N ALA A 54 -81.36 39.59 -27.46
CA ALA A 54 -82.42 40.57 -27.48
C ALA A 54 -81.85 41.96 -27.24
N PRO A 55 -82.45 43.00 -27.85
CA PRO A 55 -81.93 44.36 -27.66
C PRO A 55 -82.14 44.88 -26.25
N ASN A 56 -81.20 45.74 -25.82
CA ASN A 56 -81.17 46.40 -24.51
C ASN A 56 -81.18 45.37 -23.38
N ALA A 57 -80.15 44.52 -23.37
CA ALA A 57 -80.05 43.46 -22.37
C ALA A 57 -78.59 43.09 -22.17
N THR A 58 -78.27 42.71 -20.94
CA THR A 58 -76.92 42.23 -20.61
C THR A 58 -76.91 40.72 -20.88
N ALA A 59 -76.47 40.35 -22.08
CA ALA A 59 -76.42 38.95 -22.46
C ALA A 59 -75.26 38.24 -21.73
N ARG A 60 -75.51 36.99 -21.35
CA ARG A 60 -74.57 36.18 -20.60
C ARG A 60 -74.22 34.94 -21.40
N ALA A 61 -72.94 34.68 -21.55
CA ALA A 61 -72.46 33.44 -22.15
C ALA A 61 -71.80 32.58 -21.09
N SER A 62 -71.89 31.26 -21.28
CA SER A 62 -71.21 30.35 -20.37
C SER A 62 -69.71 30.38 -20.64
N CYS A 63 -68.93 29.95 -19.64
CA CYS A 63 -67.50 29.78 -19.82
C CYS A 63 -67.26 28.61 -20.78
N PRO A 64 -66.49 28.80 -21.84
CA PRO A 64 -66.34 27.75 -22.85
C PRO A 64 -65.47 26.61 -22.35
N TRP A 65 -65.84 25.39 -22.79
CA TRP A 65 -65.29 24.17 -22.22
C TRP A 65 -63.86 23.88 -22.63
N TYR A 66 -63.28 24.63 -23.57
CA TYR A 66 -61.89 24.38 -23.95
C TYR A 66 -60.90 25.01 -22.98
N LEU A 67 -61.36 25.74 -21.96
CA LEU A 67 -60.47 26.30 -20.97
C LEU A 67 -59.92 25.19 -20.08
N PRO A 68 -58.63 25.23 -19.74
CA PRO A 68 -58.06 24.18 -18.87
C PRO A 68 -58.53 24.26 -17.43
N TRP A 69 -59.02 25.41 -16.98
CA TRP A 69 -59.50 25.58 -15.61
C TRP A 69 -61.02 25.67 -15.55
N HIS A 70 -61.70 25.04 -16.52
CA HIS A 70 -63.16 25.12 -16.64
C HIS A 70 -63.88 24.42 -15.50
N HIS A 71 -63.24 23.48 -14.81
CA HIS A 71 -63.87 22.80 -13.68
C HIS A 71 -64.08 23.74 -12.50
N HIS A 72 -63.24 24.77 -12.37
CA HIS A 72 -63.38 25.75 -11.30
C HIS A 72 -64.29 26.92 -11.66
N VAL A 73 -64.44 27.22 -12.94
CA VAL A 73 -65.22 28.38 -13.37
C VAL A 73 -66.44 27.93 -14.17
N ALA A 74 -66.96 26.73 -13.85
CA ALA A 74 -68.10 26.17 -14.57
C ALA A 74 -69.39 26.95 -14.32
N ALA A 75 -69.47 27.72 -13.24
CA ALA A 75 -70.63 28.54 -12.95
C ALA A 75 -70.45 30.00 -13.36
N GLY A 76 -69.32 30.35 -13.99
CA GLY A 76 -69.08 31.71 -14.37
C GLY A 76 -69.82 32.10 -15.63
N PHE A 77 -69.90 33.42 -15.87
CA PHE A 77 -70.61 33.96 -17.02
C PHE A 77 -69.86 35.16 -17.58
N VAL A 78 -69.81 35.23 -18.91
CA VAL A 78 -69.25 36.36 -19.62
C VAL A 78 -70.37 37.34 -19.94
N LEU A 79 -70.18 38.61 -19.59
CA LEU A 79 -71.19 39.64 -19.72
C LEU A 79 -70.92 40.49 -20.96
N ARG A 80 -71.97 40.77 -21.72
CA ARG A 80 -71.83 41.67 -22.87
C ARG A 80 -73.16 42.37 -23.12
N GLN A 81 -73.11 43.68 -23.33
CA GLN A 81 -74.31 44.50 -23.44
C GLN A 81 -74.79 44.57 -24.90
N CYS A 82 -76.08 44.32 -25.11
CA CYS A 82 -76.72 44.50 -26.40
C CYS A 82 -77.64 45.72 -26.31
N GLY A 83 -77.34 46.74 -27.11
CA GLY A 83 -78.13 47.96 -27.10
C GLY A 83 -79.44 47.81 -27.86
N SER A 84 -80.21 48.88 -27.83
CA SER A 84 -81.54 48.90 -28.45
C SER A 84 -81.48 49.04 -29.98
N ASP A 85 -80.32 49.32 -30.55
CA ASP A 85 -80.18 49.49 -31.99
C ASP A 85 -79.74 48.21 -32.70
N GLY A 86 -79.63 47.10 -31.98
CA GLY A 86 -79.21 45.85 -32.57
C GLY A 86 -77.71 45.69 -32.72
N GLN A 87 -76.92 46.57 -32.11
CA GLN A 87 -75.47 46.52 -32.20
C GLN A 87 -74.88 46.06 -30.87
N TRP A 88 -73.77 45.34 -30.97
CA TRP A 88 -73.10 44.84 -29.77
C TRP A 88 -72.36 45.95 -29.05
N GLY A 89 -72.27 45.82 -27.73
CA GLY A 89 -71.52 46.78 -26.94
C GLY A 89 -70.03 46.61 -27.09
N LEU A 90 -69.30 47.69 -26.77
CA LEU A 90 -67.84 47.67 -26.90
C LEU A 90 -67.19 46.90 -25.76
N TRP A 91 -67.70 47.05 -24.53
CA TRP A 91 -67.10 46.42 -23.39
C TRP A 91 -67.56 44.97 -23.27
N ARG A 92 -66.76 44.17 -22.56
CA ARG A 92 -67.06 42.77 -22.31
C ARG A 92 -66.41 42.36 -21.00
N ASP A 93 -67.20 41.76 -20.12
CA ASP A 93 -66.73 41.36 -18.80
C ASP A 93 -66.45 39.85 -18.78
N HIS A 94 -65.21 39.48 -18.46
CA HIS A 94 -64.76 38.09 -18.47
C HIS A 94 -64.05 37.75 -17.16
N THR A 95 -64.46 38.38 -16.06
CA THR A 95 -63.77 38.20 -14.79
C THR A 95 -64.09 36.83 -14.17
N GLN A 96 -65.28 36.30 -14.43
CA GLN A 96 -65.70 35.05 -13.80
C GLN A 96 -65.04 33.82 -14.41
N CYS A 97 -64.39 33.95 -15.56
CA CYS A 97 -63.67 32.85 -16.18
C CYS A 97 -62.16 32.97 -15.98
N GLU A 98 -61.71 33.94 -15.19
CA GLU A 98 -60.29 34.25 -15.07
C GLU A 98 -59.58 33.29 -14.13
N ASN A 99 -58.34 32.95 -14.47
CA ASN A 99 -57.44 32.28 -13.54
C ASN A 99 -57.11 33.21 -12.38
N PRO A 100 -57.37 32.82 -11.13
CA PRO A 100 -57.12 33.74 -10.00
C PRO A 100 -55.64 34.00 -9.72
N GLU A 101 -54.72 33.19 -10.22
CA GLU A 101 -53.30 33.36 -9.90
C GLU A 101 -52.66 34.36 -10.86
N LYS A 102 -51.94 35.32 -10.27
CA LYS A 102 -51.43 36.46 -11.02
C LYS A 102 -50.22 36.07 -11.87
N ASN A 103 -50.19 36.57 -13.11
CA ASN A 103 -49.24 36.13 -14.13
C ASN A 103 -47.84 36.71 -13.93
N GLU A 104 -47.69 37.83 -13.21
CA GLU A 104 -46.38 38.42 -13.00
C GLU A 104 -45.49 37.54 -12.13
N ALA A 105 -46.08 36.89 -11.13
CA ALA A 105 -45.37 35.89 -10.34
C ALA A 105 -44.94 34.72 -11.20
N PHE A 106 -45.74 34.35 -12.21
CA PHE A 106 -45.34 33.33 -13.16
C PHE A 106 -44.16 33.78 -14.03
N LEU A 107 -44.06 35.08 -14.32
CA LEU A 107 -42.91 35.59 -15.06
C LEU A 107 -41.65 35.54 -14.20
N ASP A 108 -41.77 35.88 -12.91
CA ASP A 108 -40.65 35.73 -11.99
C ASP A 108 -40.26 34.25 -11.85
N GLN A 109 -41.25 33.35 -11.86
CA GLN A 109 -40.97 31.92 -11.84
C GLN A 109 -40.22 31.47 -13.08
N ARG A 110 -40.57 32.02 -14.26
CA ARG A 110 -39.86 31.65 -15.48
C ARG A 110 -38.42 32.14 -15.46
N LEU A 111 -38.21 33.36 -14.91
CA LEU A 111 -36.85 33.87 -14.74
C LEU A 111 -36.03 32.95 -13.82
N ILE A 112 -36.65 32.49 -12.73
CA ILE A 112 -35.99 31.57 -11.79
C ILE A 112 -35.66 30.24 -12.48
N LEU A 113 -36.63 29.70 -13.24
CA LEU A 113 -36.43 28.41 -13.91
C LEU A 113 -35.34 28.49 -14.97
N GLU A 114 -35.30 29.58 -15.74
CA GLU A 114 -34.28 29.75 -16.76
C GLU A 114 -32.89 29.89 -16.14
N ARG A 115 -32.76 30.68 -15.07
CA ARG A 115 -31.47 30.84 -14.41
C ARG A 115 -30.98 29.53 -13.80
N LEU A 116 -31.87 28.78 -13.14
CA LEU A 116 -31.47 27.51 -12.54
C LEU A 116 -31.16 26.46 -13.59
N GLN A 117 -31.84 26.51 -14.75
CA GLN A 117 -31.57 25.52 -15.78
C GLN A 117 -30.24 25.77 -16.47
N VAL A 118 -29.91 27.04 -16.71
CA VAL A 118 -28.57 27.38 -17.21
C VAL A 118 -27.51 26.99 -16.18
N MET A 119 -27.84 27.15 -14.89
CA MET A 119 -26.93 26.79 -13.80
C MET A 119 -26.61 25.29 -13.80
N TYR A 120 -27.65 24.44 -13.82
CA TYR A 120 -27.32 23.01 -13.79
C TYR A 120 -26.87 22.48 -15.14
N THR A 121 -27.12 23.21 -16.24
CA THR A 121 -26.51 22.84 -17.52
C THR A 121 -25.00 23.01 -17.49
N VAL A 122 -24.54 24.17 -16.98
CA VAL A 122 -23.11 24.41 -16.83
C VAL A 122 -22.50 23.44 -15.82
N GLY A 123 -23.25 23.15 -14.74
CA GLY A 123 -22.76 22.22 -13.74
C GLY A 123 -22.63 20.80 -14.26
N TYR A 124 -23.60 20.34 -15.05
CA TYR A 124 -23.52 19.02 -15.65
C TYR A 124 -22.43 18.92 -16.71
N SER A 125 -22.16 20.02 -17.43
CA SER A 125 -21.05 20.00 -18.39
C SER A 125 -19.70 19.89 -17.69
N LEU A 126 -19.51 20.68 -16.62
CA LEU A 126 -18.27 20.61 -15.85
C LEU A 126 -18.10 19.27 -15.16
N SER A 127 -19.20 18.73 -14.62
CA SER A 127 -19.16 17.42 -13.97
C SER A 127 -18.87 16.32 -14.98
N LEU A 128 -19.42 16.42 -16.20
CA LEU A 128 -19.17 15.43 -17.23
C LEU A 128 -17.70 15.42 -17.65
N ALA A 129 -17.11 16.61 -17.81
CA ALA A 129 -15.68 16.68 -18.17
C ALA A 129 -14.80 16.15 -17.05
N THR A 130 -15.13 16.50 -15.79
CA THR A 130 -14.30 16.06 -14.67
C THR A 130 -14.42 14.55 -14.45
N LEU A 131 -15.61 13.98 -14.66
CA LEU A 131 -15.78 12.53 -14.54
C LEU A 131 -15.11 11.77 -15.67
N LEU A 132 -15.12 12.34 -16.88
CA LEU A 132 -14.32 11.78 -17.99
C LEU A 132 -12.84 11.71 -17.62
N LEU A 133 -12.28 12.82 -17.13
CA LEU A 133 -10.87 12.85 -16.74
C LEU A 133 -10.57 11.86 -15.61
N ALA A 134 -11.44 11.80 -14.59
CA ALA A 134 -11.23 10.89 -13.47
C ALA A 134 -11.33 9.42 -13.89
N LEU A 135 -12.29 9.11 -14.76
CA LEU A 135 -12.44 7.74 -15.26
C LEU A 135 -11.22 7.32 -16.08
N LEU A 136 -10.70 8.23 -16.92
CA LEU A 136 -9.50 7.91 -17.69
C LEU A 136 -8.28 7.72 -16.79
N ILE A 137 -8.16 8.53 -15.73
CA ILE A 137 -7.06 8.39 -14.78
C ILE A 137 -7.14 7.04 -14.06
N LEU A 138 -8.33 6.67 -13.59
CA LEU A 138 -8.50 5.39 -12.89
C LEU A 138 -8.28 4.20 -13.83
N SER A 139 -8.78 4.28 -15.06
CA SER A 139 -8.64 3.16 -16.00
C SER A 139 -7.19 2.99 -16.47
N LEU A 140 -6.48 4.10 -16.71
CA LEU A 140 -5.15 4.02 -17.34
C LEU A 140 -4.11 3.34 -16.45
N PHE A 141 -4.02 3.74 -15.18
CA PHE A 141 -2.97 3.23 -14.31
C PHE A 141 -3.27 1.81 -13.86
N ARG A 142 -2.23 0.96 -13.89
CA ARG A 142 -2.36 -0.45 -13.56
C ARG A 142 -2.16 -0.74 -12.07
N ARG A 143 -1.51 0.17 -11.33
CA ARG A 143 -1.32 -0.04 -9.90
C ARG A 143 -2.62 0.14 -9.13
N LEU A 144 -3.51 0.99 -9.63
CA LEU A 144 -4.73 1.34 -8.91
C LEU A 144 -5.89 0.39 -9.17
N HIS A 145 -5.64 -0.78 -9.76
CA HIS A 145 -6.72 -1.75 -9.99
C HIS A 145 -7.07 -2.46 -8.68
N CYS A 146 -7.94 -1.81 -7.91
CA CYS A 146 -8.43 -2.33 -6.64
C CYS A 146 -9.94 -2.38 -6.67
N THR A 147 -10.51 -3.33 -5.89
CA THR A 147 -11.95 -3.48 -5.76
C THR A 147 -12.63 -2.18 -5.33
N ARG A 148 -12.00 -1.46 -4.40
CA ARG A 148 -12.44 -0.11 -4.03
C ARG A 148 -12.43 0.82 -5.24
N ASN A 149 -11.35 0.81 -6.01
CA ASN A 149 -11.31 1.61 -7.22
C ASN A 149 -12.24 1.07 -8.29
N TYR A 150 -12.56 -0.23 -8.27
CA TYR A 150 -13.53 -0.79 -9.20
C TYR A 150 -14.92 -0.23 -8.95
N ILE A 151 -15.34 -0.18 -7.67
CA ILE A 151 -16.66 0.39 -7.40
C ILE A 151 -16.65 1.91 -7.52
N HIS A 152 -15.50 2.58 -7.35
CA HIS A 152 -15.42 3.99 -7.72
C HIS A 152 -15.59 4.19 -9.23
N ILE A 153 -15.02 3.29 -10.04
CA ILE A 153 -15.20 3.37 -11.49
C ILE A 153 -16.66 3.15 -11.88
N ASN A 154 -17.32 2.19 -11.22
CA ASN A 154 -18.75 1.97 -11.48
C ASN A 154 -19.61 3.16 -11.05
N LEU A 155 -19.26 3.80 -9.92
CA LEU A 155 -20.00 4.98 -9.47
C LEU A 155 -19.81 6.16 -10.43
N PHE A 156 -18.57 6.36 -10.90
CA PHE A 156 -18.28 7.44 -11.84
C PHE A 156 -18.98 7.19 -13.18
N THR A 157 -19.02 5.94 -13.62
CA THR A 157 -19.73 5.58 -14.84
C THR A 157 -21.24 5.82 -14.68
N SER A 158 -21.78 5.56 -13.49
CA SER A 158 -23.21 5.78 -13.27
C SER A 158 -23.55 7.27 -13.23
N PHE A 159 -22.70 8.09 -12.60
CA PHE A 159 -22.87 9.55 -12.65
C PHE A 159 -22.73 10.08 -14.08
N MET A 160 -21.83 9.49 -14.86
CA MET A 160 -21.63 9.92 -16.25
C MET A 160 -22.85 9.60 -17.10
N LEU A 161 -23.42 8.40 -16.93
CA LEU A 161 -24.64 8.04 -17.64
C LEU A 161 -25.82 8.89 -17.17
N ARG A 162 -25.85 9.27 -15.89
CA ARG A 162 -26.85 10.21 -15.38
C ARG A 162 -26.78 11.54 -16.11
N ALA A 163 -25.56 12.12 -16.19
CA ALA A 163 -25.36 13.40 -16.87
C ALA A 163 -25.76 13.33 -18.34
N ALA A 164 -25.30 12.28 -19.04
CA ALA A 164 -25.63 12.13 -20.46
C ALA A 164 -27.13 11.95 -20.69
N ALA A 165 -27.79 11.15 -19.84
CA ALA A 165 -29.23 10.92 -19.98
C ALA A 165 -30.02 12.19 -19.72
N ILE A 166 -29.66 12.96 -18.69
CA ILE A 166 -30.38 14.21 -18.39
C ILE A 166 -30.18 15.23 -19.51
N LEU A 167 -28.95 15.35 -20.03
CA LEU A 167 -28.71 16.28 -21.15
C LEU A 167 -29.46 15.88 -22.40
N SER A 168 -29.51 14.57 -22.71
CA SER A 168 -30.28 14.10 -23.85
C SER A 168 -31.77 14.34 -23.66
N ARG A 169 -32.29 14.12 -22.44
CA ARG A 169 -33.70 14.37 -22.17
C ARG A 169 -34.05 15.85 -22.30
N ASP A 170 -33.16 16.72 -21.83
CA ASP A 170 -33.39 18.17 -21.94
C ASP A 170 -33.36 18.62 -23.39
N ARG A 171 -32.39 18.12 -24.17
CA ARG A 171 -32.26 18.54 -25.56
C ARG A 171 -33.40 18.01 -26.43
N LEU A 172 -33.73 16.73 -26.29
CA LEU A 172 -34.75 16.10 -27.13
C LEU A 172 -36.18 16.51 -26.78
N LEU A 173 -36.40 17.20 -25.66
CA LEU A 173 -37.75 17.61 -25.28
C LEU A 173 -38.29 18.66 -26.26
N PRO A 174 -39.56 18.55 -26.67
CA PRO A 174 -40.13 19.53 -27.59
C PRO A 174 -40.64 20.77 -26.87
N ARG A 175 -40.14 21.94 -27.29
CA ARG A 175 -40.51 23.21 -26.71
C ARG A 175 -41.92 23.62 -27.16
N PRO A 176 -42.74 24.18 -26.27
CA PRO A 176 -44.07 24.65 -26.65
C PRO A 176 -44.05 25.74 -27.71
N GLY A 177 -45.14 25.83 -28.47
CA GLY A 177 -45.24 26.78 -29.56
C GLY A 177 -46.37 27.81 -29.51
N PRO A 178 -46.48 28.62 -28.44
CA PRO A 178 -47.56 29.63 -28.43
C PRO A 178 -47.40 30.70 -29.50
N TYR A 179 -46.16 31.07 -29.85
CA TYR A 179 -45.90 32.10 -30.84
C TYR A 179 -46.43 31.73 -32.22
N LEU A 180 -46.49 30.44 -32.54
CA LEU A 180 -46.99 29.98 -33.84
C LEU A 180 -48.45 30.38 -34.07
N GLY A 181 -49.29 30.21 -33.04
CA GLY A 181 -50.68 30.62 -33.14
C GLY A 181 -51.57 29.70 -33.94
N ASP A 182 -51.25 29.50 -35.22
CA ASP A 182 -52.03 28.64 -36.09
C ASP A 182 -51.86 27.19 -35.67
N GLN A 183 -52.89 26.38 -35.97
CA GLN A 183 -52.89 24.96 -35.60
C GLN A 183 -51.79 24.20 -36.33
N ALA A 184 -51.13 23.31 -35.59
CA ALA A 184 -50.06 22.49 -36.12
C ALA A 184 -50.22 21.06 -35.61
N LEU A 185 -49.61 20.13 -36.33
CA LEU A 185 -49.66 18.71 -35.97
C LEU A 185 -48.88 18.50 -34.68
N ALA A 186 -49.61 18.43 -33.56
CA ALA A 186 -48.99 18.23 -32.25
C ALA A 186 -48.29 16.88 -32.15
N LEU A 187 -48.88 15.84 -32.72
CA LEU A 187 -48.27 14.51 -32.70
C LEU A 187 -47.02 14.46 -33.57
N TRP A 188 -45.96 13.85 -33.03
CA TRP A 188 -44.72 13.63 -33.75
C TRP A 188 -44.37 12.14 -33.65
N ASN A 189 -44.00 11.54 -34.77
CA ASN A 189 -43.66 10.13 -34.81
C ASN A 189 -42.20 9.89 -34.43
N GLN A 190 -41.42 10.95 -34.22
CA GLN A 190 -40.01 10.87 -33.86
C GLN A 190 -39.71 11.53 -32.53
N ALA A 191 -40.11 12.80 -32.37
CA ALA A 191 -39.81 13.57 -31.16
C ALA A 191 -40.41 12.95 -29.91
N LEU A 192 -41.65 12.44 -30.01
CA LEU A 192 -42.29 11.82 -28.84
C LEU A 192 -41.62 10.51 -28.46
N ALA A 193 -41.22 9.71 -29.46
CA ALA A 193 -40.52 8.46 -29.18
C ALA A 193 -39.16 8.71 -28.57
N ALA A 194 -38.44 9.72 -29.06
CA ALA A 194 -37.15 10.10 -28.48
C ALA A 194 -37.33 10.64 -27.07
N CYS A 195 -38.42 11.37 -26.82
CA CYS A 195 -38.71 11.88 -25.48
C CYS A 195 -38.99 10.75 -24.50
N ARG A 196 -39.79 9.76 -24.92
CA ARG A 196 -40.09 8.60 -24.07
C ARG A 196 -38.84 7.78 -23.80
N THR A 197 -37.99 7.59 -24.83
CA THR A 197 -36.76 6.82 -24.67
C THR A 197 -35.79 7.52 -23.73
N ALA A 198 -35.61 8.83 -23.91
CA ALA A 198 -34.73 9.61 -23.03
C ALA A 198 -35.27 9.67 -21.60
N GLN A 199 -36.59 9.69 -21.43
CA GLN A 199 -37.16 9.67 -20.09
C GLN A 199 -36.91 8.34 -19.39
N ILE A 200 -37.06 7.22 -20.12
CA ILE A 200 -36.79 5.91 -19.53
C ILE A 200 -35.31 5.76 -19.17
N VAL A 201 -34.42 6.21 -20.06
CA VAL A 201 -32.99 6.15 -19.80
C VAL A 201 -32.61 7.05 -18.62
N THR A 202 -33.26 8.21 -18.50
CA THR A 202 -32.98 9.14 -17.39
C THR A 202 -33.41 8.53 -16.06
N GLN A 203 -34.59 7.92 -16.01
CA GLN A 203 -35.05 7.28 -14.76
C GLN A 203 -34.17 6.09 -14.40
N TYR A 204 -33.72 5.33 -15.40
CA TYR A 204 -32.82 4.20 -15.13
C TYR A 204 -31.47 4.68 -14.62
N CYS A 205 -30.97 5.81 -15.13
CA CYS A 205 -29.70 6.33 -14.66
C CYS A 205 -29.80 6.94 -13.26
N VAL A 206 -30.94 7.54 -12.91
CA VAL A 206 -31.16 8.03 -11.55
C VAL A 206 -31.19 6.85 -10.58
N GLY A 207 -31.90 5.77 -10.95
CA GLY A 207 -31.91 4.57 -10.13
C GLY A 207 -30.54 3.94 -9.99
N ALA A 208 -29.75 3.96 -11.07
CA ALA A 208 -28.39 3.41 -11.01
C ALA A 208 -27.49 4.25 -10.12
N ASN A 209 -27.68 5.57 -10.13
CA ASN A 209 -26.90 6.46 -9.26
C ASN A 209 -27.16 6.15 -7.79
N TYR A 210 -28.44 6.17 -7.39
CA TYR A 210 -28.75 5.91 -5.98
C TYR A 210 -28.45 4.48 -5.57
N THR A 211 -28.58 3.52 -6.49
CA THR A 211 -28.30 2.14 -6.16
C THR A 211 -26.80 1.89 -5.99
N TRP A 212 -25.96 2.56 -6.80
CA TRP A 212 -24.52 2.40 -6.60
C TRP A 212 -24.03 3.16 -5.37
N LEU A 213 -24.71 4.24 -4.99
CA LEU A 213 -24.45 4.84 -3.67
C LEU A 213 -24.75 3.85 -2.55
N LEU A 214 -25.87 3.12 -2.66
CA LEU A 214 -26.20 2.08 -1.70
C LEU A 214 -25.16 0.95 -1.70
N VAL A 215 -24.70 0.55 -2.89
CA VAL A 215 -23.73 -0.54 -3.01
C VAL A 215 -22.40 -0.17 -2.36
N GLU A 216 -21.96 1.08 -2.55
CA GLU A 216 -20.71 1.49 -1.93
C GLU A 216 -20.85 1.66 -0.42
N GLY A 217 -22.03 2.12 0.05
CA GLY A 217 -22.26 2.17 1.49
C GLY A 217 -22.26 0.81 2.15
N VAL A 218 -22.93 -0.17 1.52
CA VAL A 218 -22.95 -1.54 2.03
C VAL A 218 -21.56 -2.17 1.95
N TYR A 219 -20.77 -1.83 0.93
CA TYR A 219 -19.42 -2.38 0.81
C TYR A 219 -18.49 -1.84 1.88
N LEU A 220 -18.60 -0.54 2.20
CA LEU A 220 -17.78 0.01 3.29
C LEU A 220 -18.25 -0.50 4.65
N HIS A 221 -19.56 -0.71 4.82
CA HIS A 221 -20.08 -1.34 6.03
C HIS A 221 -19.57 -2.77 6.18
N SER A 222 -19.45 -3.49 5.05
CA SER A 222 -18.93 -4.85 5.07
C SER A 222 -17.45 -4.89 5.36
N LEU A 223 -16.69 -3.89 4.89
CA LEU A 223 -15.26 -3.85 5.20
C LEU A 223 -15.03 -3.50 6.68
N LEU A 224 -15.84 -2.60 7.24
CA LEU A 224 -15.57 -2.16 8.60
C LEU A 224 -16.13 -3.13 9.63
N VAL A 225 -17.38 -3.56 9.48
CA VAL A 225 -18.06 -4.26 10.57
C VAL A 225 -17.73 -5.75 10.58
N LEU A 226 -17.73 -6.39 9.41
CA LEU A 226 -17.63 -7.84 9.34
C LEU A 226 -16.24 -8.34 9.73
N VAL A 227 -16.19 -9.59 10.21
CA VAL A 227 -15.04 -10.11 10.92
C VAL A 227 -13.84 -10.39 10.02
N GLY A 228 -14.02 -10.46 8.71
CA GLY A 228 -12.89 -10.83 7.87
C GLY A 228 -13.20 -11.78 6.74
N GLY A 229 -14.49 -12.03 6.49
CA GLY A 229 -14.88 -12.87 5.36
C GLY A 229 -14.47 -12.25 4.03
N SER A 230 -14.15 -13.12 3.08
CA SER A 230 -13.57 -12.70 1.82
C SER A 230 -14.59 -11.95 0.97
N GLU A 231 -14.18 -10.79 0.46
CA GLU A 231 -15.01 -9.95 -0.38
C GLU A 231 -14.87 -10.27 -1.87
N GLU A 232 -13.95 -11.14 -2.23
CA GLU A 232 -13.77 -11.53 -3.63
C GLU A 232 -14.94 -12.37 -4.13
N GLY A 233 -15.51 -13.20 -3.25
CA GLY A 233 -16.53 -14.14 -3.67
C GLY A 233 -17.86 -13.48 -4.02
N HIS A 234 -18.31 -12.54 -3.19
CA HIS A 234 -19.63 -11.93 -3.39
C HIS A 234 -19.56 -10.54 -4.04
N PHE A 235 -18.50 -10.26 -4.78
CA PHE A 235 -18.40 -8.99 -5.53
C PHE A 235 -19.47 -8.92 -6.61
N ARG A 236 -19.76 -10.07 -7.23
CA ARG A 236 -20.76 -10.16 -8.29
C ARG A 236 -22.13 -9.76 -7.75
N TYR A 237 -22.42 -10.11 -6.48
CA TYR A 237 -23.68 -9.72 -5.86
C TYR A 237 -23.82 -8.21 -5.79
N TYR A 238 -22.73 -7.50 -5.46
CA TYR A 238 -22.77 -6.04 -5.43
C TYR A 238 -23.04 -5.48 -6.83
N LEU A 239 -22.35 -6.02 -7.84
CA LEU A 239 -22.54 -5.55 -9.21
C LEU A 239 -23.96 -5.84 -9.70
N LEU A 240 -24.46 -7.04 -9.38
CA LEU A 240 -25.80 -7.45 -9.75
C LEU A 240 -26.85 -6.58 -9.06
N LEU A 241 -26.66 -6.27 -7.78
CA LEU A 241 -27.60 -5.41 -7.07
C LEU A 241 -27.62 -4.02 -7.67
N GLY A 242 -26.41 -3.50 -7.98
CA GLY A 242 -26.28 -2.15 -8.51
C GLY A 242 -26.98 -1.96 -9.84
N TRP A 243 -26.82 -2.89 -10.77
CA TRP A 243 -27.53 -2.70 -12.03
C TRP A 243 -28.93 -3.35 -12.05
N GLY A 244 -29.16 -4.38 -11.22
CA GLY A 244 -30.46 -5.03 -11.20
C GLY A 244 -31.59 -4.21 -10.60
N ALA A 245 -31.31 -3.47 -9.52
CA ALA A 245 -32.38 -2.71 -8.87
C ALA A 245 -33.03 -1.62 -9.76
N PRO A 246 -32.30 -0.83 -10.59
CA PRO A 246 -33.00 0.15 -11.44
C PRO A 246 -33.97 -0.50 -12.40
N ALA A 247 -33.60 -1.62 -13.02
CA ALA A 247 -34.52 -2.34 -13.90
C ALA A 247 -35.71 -2.84 -13.10
N LEU A 248 -35.45 -3.29 -11.87
CA LEU A 248 -36.46 -3.85 -10.97
C LEU A 248 -37.57 -2.85 -10.67
N PHE A 249 -37.24 -1.56 -10.47
CA PHE A 249 -38.36 -0.65 -10.21
C PHE A 249 -38.68 0.28 -11.39
N VAL A 250 -37.85 0.32 -12.44
CA VAL A 250 -38.18 1.10 -13.64
C VAL A 250 -39.17 0.36 -14.54
N ILE A 251 -39.00 -0.95 -14.73
CA ILE A 251 -39.83 -1.70 -15.69
C ILE A 251 -41.31 -1.75 -15.28
N PRO A 252 -41.71 -2.00 -14.01
CA PRO A 252 -43.13 -1.81 -13.68
C PRO A 252 -43.62 -0.37 -13.79
N TRP A 253 -42.74 0.62 -13.58
CA TRP A 253 -43.12 2.01 -13.81
C TRP A 253 -43.42 2.26 -15.28
N VAL A 254 -42.63 1.66 -16.18
CA VAL A 254 -42.87 1.79 -17.62
C VAL A 254 -44.17 1.10 -18.00
N ILE A 255 -44.46 -0.06 -17.39
CA ILE A 255 -45.70 -0.77 -17.67
C ILE A 255 -46.92 0.02 -17.19
N VAL A 256 -46.82 0.65 -16.01
CA VAL A 256 -47.94 1.43 -15.49
C VAL A 256 -48.14 2.72 -16.31
N ARG A 257 -47.05 3.38 -16.71
CA ARG A 257 -47.18 4.55 -17.58
C ARG A 257 -47.69 4.20 -18.97
N TYR A 258 -47.45 2.97 -19.43
CA TYR A 258 -48.03 2.56 -20.70
C TYR A 258 -49.52 2.24 -20.57
N LEU A 259 -49.92 1.55 -19.49
CA LEU A 259 -51.28 1.06 -19.39
C LEU A 259 -52.24 2.14 -18.90
N TYR A 260 -51.91 2.82 -17.81
CA TYR A 260 -52.89 3.63 -17.10
C TYR A 260 -52.91 5.08 -17.57
N GLU A 261 -51.78 5.79 -17.44
CA GLU A 261 -51.71 7.21 -17.74
C GLU A 261 -50.63 7.44 -18.80
N ASN A 262 -51.06 7.66 -20.04
CA ASN A 262 -50.15 7.90 -21.15
C ASN A 262 -50.28 9.34 -21.61
N THR A 263 -49.15 10.03 -21.73
CA THR A 263 -49.08 11.42 -22.15
C THR A 263 -48.06 11.49 -23.28
N GLN A 264 -47.89 12.67 -23.89
CA GLN A 264 -46.93 12.84 -24.97
C GLN A 264 -45.49 12.63 -24.49
N CYS A 265 -45.20 12.98 -23.25
CA CYS A 265 -43.97 12.55 -22.58
C CYS A 265 -44.33 12.06 -21.18
N TRP A 266 -43.42 11.27 -20.61
CA TRP A 266 -43.61 10.74 -19.25
C TRP A 266 -42.96 11.61 -18.19
N GLU A 267 -42.87 12.92 -18.42
CA GLU A 267 -42.25 13.82 -17.47
C GLU A 267 -43.25 14.41 -16.47
N ARG A 268 -44.52 14.52 -16.84
CA ARG A 268 -45.52 15.15 -15.99
C ARG A 268 -46.11 14.11 -15.03
N ASN A 269 -46.14 14.43 -13.75
CA ASN A 269 -46.66 13.54 -12.72
C ASN A 269 -48.10 13.97 -12.41
N GLU A 270 -49.01 13.63 -13.33
CA GLU A 270 -50.42 13.92 -13.09
C GLU A 270 -51.01 12.98 -12.06
N VAL A 271 -50.62 11.71 -12.09
CA VAL A 271 -51.05 10.73 -11.10
C VAL A 271 -49.90 10.51 -10.14
N LYS A 272 -50.12 10.82 -8.86
CA LYS A 272 -49.05 10.74 -7.88
C LYS A 272 -48.70 9.31 -7.51
N ALA A 273 -49.65 8.38 -7.65
CA ALA A 273 -49.43 6.98 -7.27
C ALA A 273 -48.38 6.31 -8.15
N ILE A 274 -48.25 6.77 -9.39
CA ILE A 274 -47.20 6.27 -10.27
C ILE A 274 -45.85 6.85 -9.86
N TRP A 275 -45.84 8.00 -9.19
CA TRP A 275 -44.61 8.63 -8.72
C TRP A 275 -44.19 8.15 -7.34
N TRP A 276 -45.11 7.57 -6.56
CA TRP A 276 -44.73 6.97 -5.28
C TRP A 276 -43.83 5.75 -5.47
N ILE A 277 -44.02 4.97 -6.54
CA ILE A 277 -43.16 3.81 -6.76
C ILE A 277 -41.82 4.19 -7.33
N ILE A 278 -41.62 5.46 -7.70
CA ILE A 278 -40.29 5.98 -7.96
C ILE A 278 -39.67 6.56 -6.71
N ARG A 279 -40.44 7.28 -5.89
CA ARG A 279 -39.87 7.88 -4.70
C ARG A 279 -39.64 6.89 -3.55
N THR A 280 -40.24 5.70 -3.61
CA THR A 280 -40.05 4.78 -2.48
C THR A 280 -38.69 4.04 -2.50
N PRO A 281 -38.23 3.41 -3.59
CA PRO A 281 -36.90 2.77 -3.52
C PRO A 281 -35.74 3.75 -3.56
N ILE A 282 -35.99 5.04 -3.76
CA ILE A 282 -34.95 6.04 -3.61
C ILE A 282 -34.84 6.50 -2.17
N LEU A 283 -35.97 6.81 -1.52
CA LEU A 283 -35.93 7.25 -0.13
C LEU A 283 -35.55 6.11 0.81
N MET A 284 -35.92 4.87 0.47
CA MET A 284 -35.48 3.71 1.26
C MET A 284 -33.96 3.56 1.19
N THR A 285 -33.41 3.71 -0.01
CA THR A 285 -31.96 3.68 -0.23
C THR A 285 -31.25 4.78 0.54
N ILE A 286 -31.80 6.00 0.50
CA ILE A 286 -31.22 7.13 1.21
C ILE A 286 -31.27 6.92 2.73
N LEU A 287 -32.36 6.31 3.23
CA LEU A 287 -32.46 6.04 4.66
C LEU A 287 -31.47 4.97 5.12
N ILE A 288 -31.29 3.91 4.30
CA ILE A 288 -30.32 2.87 4.65
C ILE A 288 -28.89 3.41 4.60
N ASN A 289 -28.59 4.25 3.60
CA ASN A 289 -27.29 4.90 3.53
C ASN A 289 -27.06 5.87 4.69
N PHE A 290 -28.13 6.51 5.17
CA PHE A 290 -27.99 7.41 6.32
C PHE A 290 -27.72 6.63 7.61
N LEU A 291 -28.35 5.45 7.76
CA LEU A 291 -28.08 4.61 8.93
C LEU A 291 -26.65 4.07 8.90
N ILE A 292 -26.19 3.64 7.72
CA ILE A 292 -24.80 3.20 7.56
C ILE A 292 -23.83 4.36 7.80
N PHE A 293 -24.23 5.57 7.41
CA PHE A 293 -23.44 6.78 7.67
C PHE A 293 -23.31 7.05 9.17
N ILE A 294 -24.41 6.87 9.92
CA ILE A 294 -24.38 7.03 11.38
C ILE A 294 -23.45 6.00 12.02
N ARG A 295 -23.52 4.74 11.57
CA ARG A 295 -22.71 3.70 12.20
C ARG A 295 -21.23 3.86 11.87
N ILE A 296 -20.92 4.28 10.63
CA ILE A 296 -19.52 4.52 10.26
C ILE A 296 -18.96 5.72 11.02
N LEU A 297 -19.77 6.77 11.22
CA LEU A 297 -19.32 7.89 12.05
C LEU A 297 -19.14 7.50 13.51
N GLY A 298 -19.95 6.56 14.01
CA GLY A 298 -19.76 6.09 15.39
C GLY A 298 -18.45 5.33 15.55
N ILE A 299 -18.17 4.42 14.62
CA ILE A 299 -16.92 3.65 14.67
C ILE A 299 -15.72 4.56 14.49
N LEU A 300 -15.82 5.51 13.55
CA LEU A 300 -14.72 6.44 13.30
C LEU A 300 -14.50 7.39 14.47
N LEU A 301 -15.59 7.82 15.13
CA LEU A 301 -15.45 8.67 16.31
C LEU A 301 -14.80 7.91 17.47
N SER A 302 -15.13 6.63 17.62
CA SER A 302 -14.50 5.83 18.67
C SER A 302 -13.01 5.65 18.44
N LYS A 303 -12.63 5.25 17.22
CA LYS A 303 -11.21 5.06 16.92
C LYS A 303 -10.42 6.37 16.89
N LEU A 304 -11.05 7.46 16.45
CA LEU A 304 -10.38 8.75 16.42
C LEU A 304 -10.29 9.39 17.81
N ARG A 305 -11.26 9.11 18.68
CA ARG A 305 -11.20 9.57 20.07
C ARG A 305 -10.17 8.76 20.86
N THR A 306 -9.92 7.51 20.45
CA THR A 306 -8.98 6.64 21.16
C THR A 306 -7.55 7.21 21.11
N ARG A 307 -7.18 7.83 20.00
CA ARG A 307 -5.82 8.34 19.85
C ARG A 307 -5.57 9.56 20.73
N GLN A 308 -6.43 10.58 20.62
CA GLN A 308 -6.45 11.79 21.44
C GLN A 308 -5.11 12.55 21.37
N MET A 309 -4.86 13.09 20.17
CA MET A 309 -3.65 13.89 19.97
C MET A 309 -3.79 15.27 20.62
N ARG A 310 -4.80 16.05 20.19
CA ARG A 310 -5.06 17.36 20.75
C ARG A 310 -6.58 17.57 20.83
N CYS A 311 -6.98 18.52 21.67
CA CYS A 311 -8.41 18.75 21.91
C CYS A 311 -9.10 19.35 20.70
N ARG A 312 -8.45 20.25 19.99
CA ARG A 312 -9.08 20.83 18.81
C ARG A 312 -8.95 19.93 17.59
N ASP A 313 -7.89 19.14 17.52
CA ASP A 313 -7.59 18.38 16.31
C ASP A 313 -8.57 17.25 16.05
N TYR A 314 -9.08 16.59 17.10
CA TYR A 314 -9.98 15.47 16.86
C TYR A 314 -11.35 15.96 16.38
N ARG A 315 -11.84 17.07 16.93
CA ARG A 315 -13.08 17.66 16.44
C ARG A 315 -12.91 18.24 15.05
N LEU A 316 -11.74 18.82 14.76
CA LEU A 316 -11.48 19.35 13.42
C LEU A 316 -11.41 18.23 12.39
N ARG A 317 -10.76 17.11 12.72
CA ARG A 317 -10.68 15.98 11.81
C ARG A 317 -12.05 15.31 11.66
N LEU A 318 -12.88 15.32 12.71
CA LEU A 318 -14.23 14.79 12.60
C LEU A 318 -15.08 15.65 11.67
N ALA A 319 -14.96 16.97 11.76
CA ALA A 319 -15.70 17.85 10.85
C ALA A 319 -15.20 17.71 9.41
N ARG A 320 -13.88 17.56 9.23
CA ARG A 320 -13.31 17.35 7.91
C ARG A 320 -13.79 16.03 7.30
N SER A 321 -13.81 14.97 8.10
CA SER A 321 -14.26 13.68 7.59
C SER A 321 -15.76 13.65 7.35
N THR A 322 -16.53 14.42 8.12
CA THR A 322 -17.96 14.54 7.86
C THR A 322 -18.22 15.24 6.54
N LEU A 323 -17.49 16.34 6.27
CA LEU A 323 -17.59 17.00 4.98
C LEU A 323 -17.06 16.12 3.84
N PHE A 324 -16.11 15.24 4.16
CA PHE A 324 -15.60 14.29 3.19
C PHE A 324 -16.63 13.21 2.85
N LEU A 325 -17.39 12.76 3.86
CA LEU A 325 -18.22 11.57 3.73
C LEU A 325 -19.68 11.86 3.37
N VAL A 326 -20.15 13.11 3.58
CA VAL A 326 -21.54 13.45 3.20
C VAL A 326 -21.83 13.32 1.70
N PRO A 327 -20.97 13.80 0.77
CA PRO A 327 -21.28 13.56 -0.65
C PRO A 327 -21.14 12.11 -1.11
N LEU A 328 -20.53 11.24 -0.30
CA LEU A 328 -20.40 9.83 -0.71
C LEU A 328 -21.71 9.07 -0.57
N LEU A 329 -22.51 9.37 0.44
CA LEU A 329 -23.66 8.55 0.77
C LEU A 329 -25.00 9.25 0.53
N GLY A 330 -24.98 10.52 0.13
CA GLY A 330 -26.22 11.24 -0.10
C GLY A 330 -26.92 11.62 1.19
N VAL A 331 -26.18 12.21 2.13
CA VAL A 331 -26.76 12.56 3.42
C VAL A 331 -27.57 13.84 3.32
N HIS A 332 -27.20 14.73 2.39
CA HIS A 332 -27.95 15.97 2.17
C HIS A 332 -29.34 15.68 1.60
N GLU A 333 -29.46 14.59 0.82
CA GLU A 333 -30.75 14.11 0.34
C GLU A 333 -31.69 13.73 1.48
N VAL A 334 -31.16 13.43 2.68
CA VAL A 334 -32.02 13.21 3.83
C VAL A 334 -32.78 14.49 4.19
N VAL A 335 -32.09 15.64 4.09
CA VAL A 335 -32.62 16.93 4.52
C VAL A 335 -33.85 17.31 3.71
N PHE A 336 -33.86 16.99 2.43
CA PHE A 336 -34.99 17.31 1.56
C PHE A 336 -36.09 16.26 1.61
N ALA A 337 -35.85 15.14 2.31
CA ALA A 337 -36.82 14.05 2.43
C ALA A 337 -38.12 14.35 3.19
N PRO A 338 -38.13 15.03 4.37
CA PRO A 338 -39.43 15.24 5.06
C PRO A 338 -40.42 16.13 4.34
N VAL A 339 -39.96 17.08 3.52
CA VAL A 339 -40.77 18.11 2.85
C VAL A 339 -41.97 17.55 2.09
N THR A 340 -43.16 17.92 2.54
CA THR A 340 -44.42 17.48 1.95
C THR A 340 -44.78 18.31 0.73
N GLU A 341 -45.74 17.79 -0.05
CA GLU A 341 -46.24 18.48 -1.24
C GLU A 341 -46.97 19.77 -0.87
N GLU A 342 -47.68 19.77 0.26
CA GLU A 342 -48.35 20.98 0.75
C GLU A 342 -47.34 22.09 1.03
N GLN A 343 -46.22 21.75 1.69
CA GLN A 343 -45.14 22.71 1.85
C GLN A 343 -44.47 23.04 0.52
N ALA A 344 -44.42 22.07 -0.40
CA ALA A 344 -43.84 22.29 -1.71
C ALA A 344 -44.60 23.33 -2.53
N ARG A 345 -45.93 23.39 -2.35
CA ARG A 345 -46.74 24.39 -3.04
C ARG A 345 -46.36 25.82 -2.65
N GLY A 346 -45.83 26.01 -1.45
CA GLY A 346 -45.36 27.33 -1.03
C GLY A 346 -44.24 27.86 -1.90
N ALA A 347 -44.18 29.19 -2.00
CA ALA A 347 -43.21 29.89 -2.86
C ALA A 347 -41.77 29.62 -2.45
N LEU A 348 -41.51 29.37 -1.16
CA LEU A 348 -40.15 29.12 -0.66
C LEU A 348 -39.51 27.90 -1.31
N ARG A 349 -40.32 26.90 -1.68
CA ARG A 349 -39.80 25.69 -2.32
C ARG A 349 -39.13 25.99 -3.66
N PHE A 350 -39.60 27.03 -4.38
CA PHE A 350 -38.97 27.42 -5.64
C PHE A 350 -37.53 27.86 -5.42
N ALA A 351 -37.27 28.62 -4.36
CA ALA A 351 -35.90 28.97 -3.99
C ALA A 351 -35.13 27.74 -3.49
N LYS A 352 -35.79 26.87 -2.72
CA LYS A 352 -35.15 25.67 -2.17
C LYS A 352 -34.70 24.70 -3.27
N LEU A 353 -35.47 24.62 -4.37
CA LEU A 353 -35.13 23.76 -5.50
C LEU A 353 -33.77 24.13 -6.09
N GLY A 354 -33.45 25.43 -6.14
CA GLY A 354 -32.18 25.85 -6.69
C GLY A 354 -30.99 25.32 -5.89
N PHE A 355 -31.07 25.40 -4.56
CA PHE A 355 -30.02 24.84 -3.72
C PHE A 355 -29.96 23.32 -3.82
N GLU A 356 -31.12 22.66 -3.87
CA GLU A 356 -31.15 21.20 -3.97
C GLU A 356 -30.57 20.70 -5.30
N ILE A 357 -30.95 21.34 -6.40
CA ILE A 357 -30.41 21.00 -7.73
C ILE A 357 -28.93 21.35 -7.81
N PHE A 358 -28.51 22.46 -7.18
CA PHE A 358 -27.10 22.81 -7.11
C PHE A 358 -26.28 21.73 -6.43
N LEU A 359 -26.74 21.28 -5.24
CA LEU A 359 -26.07 20.21 -4.51
C LEU A 359 -26.04 18.91 -5.31
N SER A 360 -27.18 18.54 -5.92
CA SER A 360 -27.26 17.29 -6.67
C SER A 360 -26.38 17.33 -7.93
N SER A 361 -26.40 18.46 -8.66
CA SER A 361 -25.62 18.58 -9.88
C SER A 361 -24.13 18.60 -9.61
N PHE A 362 -23.70 19.31 -8.55
CA PHE A 362 -22.29 19.41 -8.26
C PHE A 362 -21.78 18.30 -7.34
N GLN A 363 -22.67 17.43 -6.84
CA GLN A 363 -22.26 16.26 -6.08
C GLN A 363 -21.29 15.37 -6.86
N GLY A 364 -21.57 15.15 -8.15
CA GLY A 364 -20.67 14.35 -8.97
C GLY A 364 -19.30 14.98 -9.14
N PHE A 365 -19.27 16.31 -9.33
CA PHE A 365 -18.01 17.04 -9.43
C PHE A 365 -17.22 16.98 -8.12
N LEU A 366 -17.92 17.14 -6.99
CA LEU A 366 -17.24 17.10 -5.68
C LEU A 366 -16.70 15.71 -5.38
N VAL A 367 -17.48 14.67 -5.69
CA VAL A 367 -17.03 13.28 -5.49
C VAL A 367 -15.83 12.97 -6.37
N SER A 368 -15.88 13.39 -7.64
CA SER A 368 -14.76 13.22 -8.57
C SER A 368 -13.49 13.91 -8.07
N VAL A 369 -13.59 15.19 -7.70
CA VAL A 369 -12.43 15.96 -7.25
C VAL A 369 -11.86 15.38 -5.96
N LEU A 370 -12.73 15.06 -4.99
CA LEU A 370 -12.27 14.50 -3.72
C LEU A 370 -11.62 13.13 -3.89
N TYR A 371 -12.12 12.31 -4.81
CA TYR A 371 -11.58 10.97 -4.95
C TYR A 371 -10.49 10.87 -6.01
N CYS A 372 -10.18 11.96 -6.71
CA CYS A 372 -9.06 11.96 -7.66
C CYS A 372 -7.95 12.91 -7.25
N PHE A 373 -8.23 14.23 -7.17
CA PHE A 373 -7.18 15.19 -6.89
C PHE A 373 -6.76 15.17 -5.42
N ILE A 374 -7.74 15.12 -4.51
CA ILE A 374 -7.45 15.18 -3.07
C ILE A 374 -6.71 13.94 -2.59
N ASN A 375 -7.03 12.77 -3.16
CA ASN A 375 -6.46 11.50 -2.73
C ASN A 375 -4.95 11.47 -2.90
N LYS A 376 -4.25 11.10 -1.82
CA LYS A 376 -2.79 11.11 -1.79
C LYS A 376 -2.19 10.04 -2.69
N GLU A 377 -2.80 8.85 -2.73
CA GLU A 377 -2.28 7.75 -3.54
C GLU A 377 -2.33 8.07 -5.03
N VAL A 378 -3.41 8.71 -5.47
CA VAL A 378 -3.55 9.12 -6.87
C VAL A 378 -2.51 10.18 -7.21
N GLN A 379 -2.28 11.14 -6.31
CA GLN A 379 -1.25 12.16 -6.51
C GLN A 379 0.14 11.54 -6.58
N SER A 380 0.40 10.55 -5.73
CA SER A 380 1.68 9.83 -5.75
C SER A 380 1.89 9.11 -7.08
N GLU A 381 0.89 8.35 -7.52
CA GLU A 381 0.95 7.65 -8.81
C GLU A 381 1.15 8.61 -9.99
N ILE A 382 0.42 9.72 -10.01
CA ILE A 382 0.55 10.69 -11.10
C ILE A 382 1.91 11.38 -11.06
N ARG A 383 2.42 11.68 -9.85
CA ARG A 383 3.74 12.29 -9.72
C ARG A 383 4.84 11.33 -10.15
N ARG A 384 4.70 10.04 -9.85
CA ARG A 384 5.67 9.06 -10.29
C ARG A 384 5.65 8.88 -11.81
N GLY A 385 4.44 8.84 -12.40
CA GLY A 385 4.34 8.74 -13.85
C GLY A 385 4.89 9.96 -14.56
N TRP A 386 4.65 11.15 -14.02
CA TRP A 386 5.23 12.37 -14.57
C TRP A 386 6.74 12.40 -14.39
N HIS A 387 7.26 11.83 -13.30
CA HIS A 387 8.70 11.74 -13.11
C HIS A 387 9.33 10.78 -14.12
N HIS A 388 8.65 9.67 -14.42
CA HIS A 388 9.16 8.76 -15.44
C HIS A 388 9.09 9.39 -16.84
N CYS A 389 8.05 10.19 -17.11
CA CYS A 389 7.95 10.87 -18.39
C CYS A 389 9.04 11.94 -18.54
N ARG A 390 9.32 12.69 -17.47
CA ARG A 390 10.40 13.68 -17.53
C ARG A 390 11.78 13.04 -17.58
N LEU A 391 11.94 11.86 -16.98
CA LEU A 391 13.20 11.14 -17.10
C LEU A 391 13.37 10.56 -18.50
N ARG A 392 12.28 10.15 -19.15
CA ARG A 392 12.36 9.66 -20.52
C ARG A 392 12.64 10.80 -21.50
N ARG A 393 12.03 11.96 -21.28
CA ARG A 393 12.25 13.09 -22.19
C ARG A 393 13.65 13.69 -22.01
N SER A 394 14.14 13.78 -20.77
CA SER A 394 15.47 14.32 -20.51
C SER A 394 16.53 13.23 -20.54
N HIS B 1 -37.60 11.98 -5.96
CA HIS B 1 -36.55 12.51 -6.82
C HIS B 1 -36.83 13.94 -7.25
N GLN B 3 -35.35 16.35 -9.27
CA GLN B 3 -35.16 16.92 -10.61
C GLN B 3 -36.29 16.52 -11.55
N GLY B 4 -36.85 15.33 -11.33
CA GLY B 4 -38.05 14.94 -12.04
C GLY B 4 -39.24 15.80 -11.67
N THR B 5 -39.36 16.16 -10.39
CA THR B 5 -40.39 17.10 -9.94
C THR B 5 -40.17 18.48 -10.54
N PHE B 6 -38.89 18.90 -10.64
CA PHE B 6 -38.52 20.14 -11.30
C PHE B 6 -38.97 20.17 -12.77
N THR B 7 -38.61 19.12 -13.51
CA THR B 7 -38.98 19.03 -14.92
C THR B 7 -40.51 18.97 -15.10
N SER B 8 -41.21 18.26 -14.21
CA SER B 8 -42.66 18.22 -14.24
C SER B 8 -43.27 19.60 -13.99
N ASP B 9 -42.72 20.34 -13.01
CA ASP B 9 -43.17 21.69 -12.73
C ASP B 9 -42.91 22.63 -13.92
N LYS B 10 -41.76 22.47 -14.57
CA LYS B 10 -41.47 23.29 -15.75
C LYS B 10 -42.43 22.99 -16.89
N SER B 11 -42.73 21.70 -17.13
CA SER B 11 -43.67 21.33 -18.19
C SER B 11 -45.08 21.84 -17.89
N LYS B 12 -45.52 21.72 -16.64
CA LYS B 12 -46.81 22.24 -16.22
C LYS B 12 -46.86 23.77 -16.36
N TYR B 13 -45.77 24.46 -15.99
CA TYR B 13 -45.69 25.90 -16.15
C TYR B 13 -45.75 26.32 -17.61
N LEU B 14 -45.06 25.58 -18.49
CA LEU B 14 -45.09 25.89 -19.92
C LEU B 14 -46.48 25.72 -20.50
N ASP B 15 -47.14 24.60 -20.19
CA ASP B 15 -48.54 24.39 -20.57
C ASP B 15 -49.45 25.50 -20.06
N GLU B 16 -49.27 25.92 -18.80
CA GLU B 16 -50.12 26.97 -18.23
C GLU B 16 -49.87 28.34 -18.85
N ARG B 17 -48.59 28.69 -19.11
CA ARG B 17 -48.33 29.98 -19.73
C ARG B 17 -48.75 29.98 -21.21
N ALA B 18 -48.64 28.84 -21.90
CA ALA B 18 -49.17 28.74 -23.25
C ALA B 18 -50.68 28.90 -23.25
N ALA B 19 -51.35 28.35 -22.23
CA ALA B 19 -52.80 28.54 -22.08
C ALA B 19 -53.16 30.00 -21.82
N GLN B 20 -52.41 30.67 -20.93
CA GLN B 20 -52.71 32.06 -20.60
C GLN B 20 -52.44 32.99 -21.77
N ASP B 21 -51.35 32.75 -22.51
CA ASP B 21 -51.04 33.55 -23.69
C ASP B 21 -52.06 33.30 -24.80
N PHE B 22 -52.53 32.06 -24.93
CA PHE B 22 -53.55 31.73 -25.92
C PHE B 22 -54.87 32.41 -25.60
N VAL B 23 -55.28 32.40 -24.32
CA VAL B 23 -56.51 33.05 -23.90
C VAL B 23 -56.40 34.56 -24.06
N GLN B 24 -55.24 35.12 -23.70
CA GLN B 24 -54.97 36.55 -23.87
C GLN B 24 -55.11 36.98 -25.33
N TRP B 25 -54.41 36.28 -26.23
CA TRP B 25 -54.52 36.56 -27.67
C TRP B 25 -55.95 36.45 -28.18
N LEU B 26 -56.69 35.42 -27.72
CA LEU B 26 -58.09 35.27 -28.13
C LEU B 26 -58.95 36.43 -27.64
N LEU B 27 -58.71 36.90 -26.41
CA LEU B 27 -59.41 38.08 -25.89
C LEU B 27 -59.09 39.31 -26.72
N ASP B 28 -57.80 39.47 -27.07
CA ASP B 28 -57.38 40.55 -27.97
C ASP B 28 -58.15 40.53 -29.28
N GLY B 29 -58.24 39.35 -29.90
CA GLY B 29 -58.98 39.21 -31.13
C GLY B 29 -58.21 39.65 -32.36
N GLY B 30 -58.93 39.70 -33.48
CA GLY B 30 -58.36 40.11 -34.75
C GLY B 30 -57.98 38.94 -35.63
N THR C 9 2.22 -25.47 -37.46
CA THR C 9 2.61 -26.74 -36.86
C THR C 9 1.58 -27.20 -35.84
N GLU C 10 1.04 -28.40 -36.04
CA GLU C 10 0.02 -28.93 -35.14
C GLU C 10 0.60 -29.34 -33.80
N ASP C 11 1.87 -29.75 -33.77
CA ASP C 11 2.50 -30.15 -32.53
C ASP C 11 2.72 -28.94 -31.60
N GLN C 12 3.09 -27.80 -32.18
CA GLN C 12 3.21 -26.57 -31.40
C GLN C 12 1.86 -26.13 -30.86
N ARG C 13 0.80 -26.31 -31.66
CA ARG C 13 -0.55 -25.97 -31.20
C ARG C 13 -1.01 -26.89 -30.07
N ASN C 14 -0.65 -28.18 -30.14
CA ASN C 14 -1.01 -29.12 -29.08
C ASN C 14 -0.25 -28.82 -27.80
N GLU C 15 1.05 -28.51 -27.91
CA GLU C 15 1.84 -28.15 -26.73
C GLU C 15 1.36 -26.85 -26.12
N GLU C 16 0.98 -25.88 -26.96
CA GLU C 16 0.46 -24.61 -26.46
C GLU C 16 -0.90 -24.80 -25.79
N LYS C 17 -1.74 -25.70 -26.33
CA LYS C 17 -3.03 -25.97 -25.71
C LYS C 17 -2.88 -26.66 -24.36
N ALA C 18 -1.95 -27.63 -24.27
CA ALA C 18 -1.70 -28.29 -22.99
C ALA C 18 -1.09 -27.32 -21.98
N GLN C 19 -0.25 -26.40 -22.43
CA GLN C 19 0.34 -25.41 -21.55
C GLN C 19 -0.72 -24.42 -21.06
N ARG C 20 -1.66 -24.05 -21.92
CA ARG C 20 -2.76 -23.18 -21.49
C ARG C 20 -3.69 -23.88 -20.52
N GLU C 21 -3.93 -25.18 -20.71
CA GLU C 21 -4.76 -25.94 -19.77
C GLU C 21 -4.09 -26.05 -18.41
N ALA C 22 -2.78 -26.30 -18.39
CA ALA C 22 -2.04 -26.35 -17.12
C ALA C 22 -2.01 -24.98 -16.45
N ASN C 23 -1.90 -23.91 -17.25
CA ASN C 23 -1.92 -22.56 -16.70
C ASN C 23 -3.29 -22.23 -16.10
N LYS C 24 -4.37 -22.67 -16.75
CA LYS C 24 -5.70 -22.45 -16.21
C LYS C 24 -5.93 -23.22 -14.92
N LYS C 25 -5.42 -24.46 -14.85
CA LYS C 25 -5.53 -25.24 -13.62
C LYS C 25 -4.75 -24.60 -12.47
N ILE C 26 -3.55 -24.10 -12.77
CA ILE C 26 -2.74 -23.45 -11.74
C ILE C 26 -3.37 -22.12 -11.31
N GLU C 27 -3.99 -21.39 -12.24
CA GLU C 27 -4.68 -20.16 -11.87
C GLU C 27 -5.93 -20.44 -11.04
N LYS C 28 -6.63 -21.55 -11.31
CA LYS C 28 -7.76 -21.94 -10.46
C LYS C 28 -7.29 -22.31 -9.05
N GLN C 29 -6.14 -22.99 -8.95
CA GLN C 29 -5.59 -23.33 -7.64
C GLN C 29 -5.15 -22.08 -6.88
N LEU C 30 -4.58 -21.10 -7.59
CA LEU C 30 -4.17 -19.86 -6.94
C LEU C 30 -5.36 -19.02 -6.51
N GLN C 31 -6.44 -19.04 -7.29
CA GLN C 31 -7.65 -18.33 -6.89
C GLN C 31 -8.36 -19.03 -5.74
N LYS C 32 -8.19 -20.35 -5.61
CA LYS C 32 -8.69 -21.02 -4.42
C LYS C 32 -7.83 -20.75 -3.19
N ASP C 33 -6.52 -20.55 -3.38
CA ASP C 33 -5.64 -20.26 -2.25
C ASP C 33 -5.62 -18.80 -1.85
N LYS C 34 -6.09 -17.90 -2.73
CA LYS C 34 -6.02 -16.46 -2.47
C LYS C 34 -6.92 -16.05 -1.31
N GLN C 35 -8.14 -16.59 -1.25
CA GLN C 35 -9.04 -16.25 -0.15
C GLN C 35 -8.55 -16.84 1.16
N VAL C 36 -7.94 -18.02 1.13
CA VAL C 36 -7.39 -18.64 2.34
C VAL C 36 -6.21 -17.84 2.85
N TYR C 37 -5.39 -17.30 1.93
CA TYR C 37 -4.27 -16.47 2.36
C TYR C 37 -4.72 -15.12 2.89
N ARG C 38 -5.68 -14.48 2.24
CA ARG C 38 -6.07 -13.13 2.62
C ARG C 38 -7.03 -13.11 3.80
N ALA C 39 -7.72 -14.21 4.09
CA ALA C 39 -8.63 -14.23 5.24
C ALA C 39 -7.91 -14.43 6.56
N THR C 40 -6.69 -14.96 6.53
CA THR C 40 -5.98 -15.39 7.73
C THR C 40 -5.03 -14.30 8.20
N HIS C 41 -5.03 -14.04 9.51
CA HIS C 41 -4.15 -13.05 10.12
C HIS C 41 -2.89 -13.71 10.67
N ARG C 42 -1.83 -12.90 10.78
CA ARG C 42 -0.49 -13.39 11.11
C ARG C 42 0.09 -12.60 12.28
N LEU C 43 0.65 -13.34 13.23
CA LEU C 43 1.16 -12.80 14.49
C LEU C 43 2.59 -13.25 14.66
N LEU C 44 3.46 -12.34 15.08
CA LEU C 44 4.85 -12.68 15.39
C LEU C 44 5.03 -12.60 16.90
N LEU C 45 5.10 -13.76 17.57
CA LEU C 45 5.27 -13.78 19.02
C LEU C 45 6.75 -13.64 19.33
N LEU C 46 7.17 -12.43 19.67
CA LEU C 46 8.58 -12.11 19.90
C LEU C 46 8.77 -11.72 21.36
N GLY C 47 9.78 -12.31 21.99
CA GLY C 47 10.11 -11.98 23.36
C GLY C 47 11.59 -11.70 23.53
N ALA C 48 11.90 -10.90 24.55
CA ALA C 48 13.29 -10.51 24.80
C ALA C 48 14.13 -11.65 25.37
N GLY C 49 13.50 -12.67 25.94
CA GLY C 49 14.24 -13.73 26.60
C GLY C 49 13.40 -14.51 27.59
N GLU C 50 13.89 -14.64 28.83
CA GLU C 50 13.19 -15.36 29.88
C GLU C 50 12.04 -14.46 30.38
N SER C 51 10.95 -14.48 29.63
CA SER C 51 9.76 -13.72 29.97
C SER C 51 8.52 -14.58 30.15
N GLY C 52 8.65 -15.90 30.09
CA GLY C 52 7.49 -16.77 30.17
C GLY C 52 6.60 -16.74 28.96
N LYS C 53 7.18 -16.62 27.77
CA LYS C 53 6.40 -16.65 26.54
C LYS C 53 5.88 -18.05 26.23
N ASN C 54 6.49 -19.09 26.81
CA ASN C 54 5.99 -20.45 26.64
C ASN C 54 4.62 -20.64 27.27
N THR C 55 4.28 -19.83 28.30
CA THR C 55 2.93 -19.80 28.83
C THR C 55 1.94 -19.30 27.76
N ILE C 56 2.35 -18.29 26.99
CA ILE C 56 1.51 -17.80 25.90
C ILE C 56 1.45 -18.82 24.77
N VAL C 57 2.52 -19.59 24.57
CA VAL C 57 2.50 -20.67 23.58
C VAL C 57 1.52 -21.77 23.98
N LYS C 58 1.52 -22.14 25.27
CA LYS C 58 0.62 -23.19 25.74
C LYS C 58 -0.83 -22.73 25.79
N GLN C 59 -1.07 -21.46 26.12
CA GLN C 59 -2.45 -20.98 26.23
C GLN C 59 -3.00 -20.55 24.87
N MET C 60 -2.32 -19.62 24.21
CA MET C 60 -2.83 -19.04 22.97
C MET C 60 -2.49 -19.92 21.76
N SER C 205 13.42 -27.56 14.89
CA SER C 205 13.26 -26.68 13.75
C SER C 205 13.65 -25.25 14.11
N GLY C 206 13.27 -24.30 13.26
CA GLY C 206 13.64 -22.91 13.47
C GLY C 206 12.49 -22.03 13.94
N ILE C 207 11.30 -22.26 13.40
CA ILE C 207 10.13 -21.46 13.72
C ILE C 207 9.01 -22.40 14.15
N PHE C 208 8.21 -21.96 15.12
CA PHE C 208 7.09 -22.73 15.64
C PHE C 208 5.78 -22.05 15.25
N GLU C 209 4.79 -22.85 14.88
CA GLU C 209 3.53 -22.34 14.37
C GLU C 209 2.38 -22.79 15.26
N THR C 210 1.54 -21.85 15.68
CA THR C 210 0.34 -22.13 16.44
C THR C 210 -0.87 -21.63 15.66
N LYS C 211 -1.83 -22.52 15.44
CA LYS C 211 -3.02 -22.23 14.65
C LYS C 211 -4.21 -22.12 15.58
N PHE C 212 -4.86 -20.95 15.60
CA PHE C 212 -6.06 -20.84 16.41
C PHE C 212 -7.07 -19.91 15.74
N GLN C 213 -8.34 -20.27 15.84
CA GLN C 213 -9.41 -19.51 15.21
C GLN C 213 -10.39 -19.01 16.26
N VAL C 214 -10.80 -17.75 16.11
CA VAL C 214 -11.80 -17.11 16.94
C VAL C 214 -12.88 -16.55 16.03
N ASP C 215 -14.13 -17.01 16.22
CA ASP C 215 -15.32 -16.55 15.49
C ASP C 215 -15.14 -16.70 13.98
N LYS C 216 -14.61 -17.86 13.57
CA LYS C 216 -14.24 -18.19 12.19
C LYS C 216 -13.25 -17.15 11.64
N VAL C 217 -12.30 -16.74 12.48
CA VAL C 217 -11.20 -15.87 12.09
C VAL C 217 -9.91 -16.60 12.43
N ASN C 218 -9.11 -16.88 11.40
CA ASN C 218 -7.94 -17.74 11.54
C ASN C 218 -6.70 -16.92 11.87
N PHE C 219 -5.92 -17.39 12.83
CA PHE C 219 -4.68 -16.75 13.24
C PHE C 219 -3.56 -17.78 13.19
N HIS C 220 -2.47 -17.43 12.52
CA HIS C 220 -1.20 -18.14 12.63
C HIS C 220 -0.26 -17.30 13.50
N MET C 221 0.19 -17.87 14.60
CA MET C 221 1.14 -17.22 15.49
C MET C 221 2.49 -17.92 15.37
N PHE C 222 3.54 -17.16 15.10
CA PHE C 222 4.85 -17.69 14.80
C PHE C 222 5.81 -17.31 15.91
N ASP C 223 6.33 -18.32 16.60
CA ASP C 223 7.33 -18.16 17.64
C ASP C 223 8.71 -18.42 17.05
N VAL C 224 9.66 -17.54 17.33
CA VAL C 224 11.02 -17.70 16.85
C VAL C 224 11.74 -18.67 17.79
N GLY C 225 12.10 -19.84 17.29
CA GLY C 225 12.71 -20.86 18.11
C GLY C 225 14.22 -20.84 18.05
N ALA C 226 14.81 -21.90 17.49
CA ALA C 226 16.27 -22.05 17.44
C ALA C 226 16.82 -21.14 16.35
N GLN C 227 17.07 -19.89 16.71
CA GLN C 227 17.67 -18.92 15.81
C GLN C 227 18.77 -18.15 16.53
N ARG C 228 19.68 -17.60 15.73
CA ARG C 228 20.76 -16.77 16.25
C ARG C 228 20.21 -15.46 16.78
N ASP C 229 20.90 -14.90 17.79
CA ASP C 229 20.43 -13.69 18.46
C ASP C 229 20.54 -12.44 17.58
N GLU C 230 21.32 -12.49 16.51
CA GLU C 230 21.42 -11.37 15.58
C GLU C 230 20.13 -11.31 14.76
N ARG C 231 19.28 -10.34 15.09
CA ARG C 231 17.93 -10.27 14.55
C ARG C 231 17.79 -9.34 13.36
N ARG C 232 18.87 -8.67 12.95
CA ARG C 232 18.75 -7.52 12.05
C ARG C 232 18.48 -7.88 10.60
N LYS C 233 18.48 -9.17 10.23
CA LYS C 233 18.29 -9.56 8.84
C LYS C 233 16.97 -10.28 8.58
N TRP C 234 16.60 -11.24 9.43
CA TRP C 234 15.38 -12.00 9.17
C TRP C 234 14.10 -11.28 9.59
N ILE C 235 14.21 -10.27 10.46
CA ILE C 235 13.03 -9.57 10.95
C ILE C 235 12.33 -8.78 9.84
N GLN C 236 13.07 -8.42 8.78
CA GLN C 236 12.47 -7.79 7.61
C GLN C 236 11.47 -8.71 6.94
N CYS C 237 11.70 -10.02 7.01
CA CYS C 237 10.75 -11.00 6.48
C CYS C 237 9.42 -10.99 7.22
N PHE C 238 9.37 -10.39 8.42
CA PHE C 238 8.11 -10.19 9.12
C PHE C 238 7.56 -8.78 8.94
N ASN C 239 7.79 -8.17 7.77
CA ASN C 239 7.19 -6.86 7.53
C ASN C 239 5.69 -6.96 7.25
N ASP C 240 5.27 -8.00 6.55
CA ASP C 240 3.90 -8.12 6.05
C ASP C 240 2.96 -8.83 7.01
N VAL C 241 3.40 -9.14 8.23
CA VAL C 241 2.51 -9.78 9.19
C VAL C 241 1.49 -8.76 9.69
N THR C 242 0.39 -9.28 10.24
CA THR C 242 -0.65 -8.38 10.74
C THR C 242 -0.24 -7.73 12.05
N ALA C 243 0.43 -8.47 12.94
CA ALA C 243 0.87 -7.84 14.19
C ALA C 243 2.14 -8.50 14.70
N ILE C 244 2.93 -7.71 15.43
CA ILE C 244 4.07 -8.22 16.20
C ILE C 244 3.67 -8.19 17.66
N ILE C 245 3.42 -9.36 18.24
CA ILE C 245 3.09 -9.49 19.64
C ILE C 245 4.40 -9.51 20.41
N PHE C 246 4.74 -8.38 21.03
CA PHE C 246 5.99 -8.22 21.76
C PHE C 246 5.70 -8.45 23.24
N VAL C 247 6.22 -9.55 23.77
CA VAL C 247 5.91 -10.00 25.12
C VAL C 247 7.17 -9.89 25.96
N VAL C 248 7.14 -9.05 27.00
CA VAL C 248 8.27 -8.92 27.92
C VAL C 248 7.74 -8.87 29.34
N ALA C 249 8.60 -9.24 30.29
CA ALA C 249 8.25 -9.27 31.70
C ALA C 249 8.63 -7.95 32.35
N SER C 250 7.71 -7.41 33.16
CA SER C 250 7.99 -6.16 33.86
C SER C 250 8.98 -6.33 35.00
N SER C 251 9.09 -7.55 35.55
CA SER C 251 10.05 -7.83 36.61
C SER C 251 11.48 -7.83 36.08
N GLN C 262 20.57 -11.12 36.93
CA GLN C 262 21.86 -10.63 36.46
C GLN C 262 21.76 -9.22 35.84
N THR C 263 21.99 -9.10 34.53
CA THR C 263 21.91 -7.83 33.83
C THR C 263 20.48 -7.32 33.75
N ASN C 264 20.35 -6.00 33.68
CA ASN C 264 19.04 -5.36 33.57
C ASN C 264 18.35 -5.84 32.28
N ARG C 265 17.08 -6.18 32.41
CA ARG C 265 16.30 -6.68 31.28
C ARG C 265 15.30 -5.67 30.74
N LEU C 266 14.81 -4.76 31.59
CA LEU C 266 13.85 -3.76 31.15
C LEU C 266 14.48 -2.78 30.17
N GLN C 267 15.74 -2.40 30.40
CA GLN C 267 16.39 -1.44 29.53
C GLN C 267 16.72 -2.04 28.17
N ALA C 268 17.14 -3.31 28.16
CA ALA C 268 17.33 -4.03 26.91
C ALA C 268 16.01 -4.22 26.17
N ALA C 269 14.92 -4.39 26.92
CA ALA C 269 13.59 -4.47 26.31
C ALA C 269 13.19 -3.14 25.67
N LEU C 270 13.50 -2.03 26.34
CA LEU C 270 13.20 -0.71 25.78
C LEU C 270 14.03 -0.45 24.53
N LYS C 271 15.30 -0.85 24.54
CA LYS C 271 16.14 -0.67 23.36
C LYS C 271 15.71 -1.56 22.20
N LEU C 272 15.27 -2.79 22.50
CA LEU C 272 14.78 -3.67 21.45
C LEU C 272 13.46 -3.16 20.87
N PHE C 273 12.58 -2.64 21.73
CA PHE C 273 11.32 -2.08 21.24
C PHE C 273 11.56 -0.81 20.44
N ASP C 274 12.56 -0.02 20.83
CA ASP C 274 12.91 1.17 20.05
C ASP C 274 13.49 0.78 18.69
N SER C 275 14.28 -0.30 18.65
CA SER C 275 14.84 -0.75 17.38
C SER C 275 13.78 -1.35 16.46
N ILE C 276 12.78 -2.02 17.03
CA ILE C 276 11.67 -2.51 16.22
C ILE C 276 10.81 -1.35 15.73
N TRP C 277 10.57 -0.36 16.59
CA TRP C 277 9.66 0.73 16.26
C TRP C 277 10.26 1.67 15.22
N ASN C 278 11.54 2.02 15.36
CA ASN C 278 12.18 2.96 14.46
C ASN C 278 12.66 2.33 13.16
N ASN C 279 12.45 1.02 12.96
CA ASN C 279 12.82 0.38 11.70
C ASN C 279 11.94 0.90 10.58
N LYS C 280 12.57 1.16 9.42
CA LYS C 280 11.85 1.75 8.31
C LYS C 280 10.89 0.77 7.64
N TRP C 281 11.22 -0.52 7.65
CA TRP C 281 10.32 -1.50 7.06
C TRP C 281 9.23 -1.96 8.01
N LEU C 282 9.44 -1.81 9.32
CA LEU C 282 8.43 -2.15 10.32
C LEU C 282 7.51 -0.99 10.63
N ARG C 283 7.55 0.08 9.83
CA ARG C 283 6.67 1.23 10.04
C ARG C 283 5.21 0.87 9.79
N ASP C 284 4.94 0.01 8.81
CA ASP C 284 3.57 -0.40 8.54
C ASP C 284 3.06 -1.38 9.58
N THR C 285 3.92 -2.27 10.05
CA THR C 285 3.52 -3.32 10.98
C THR C 285 3.32 -2.74 12.37
N SER C 286 2.21 -3.09 13.01
CA SER C 286 1.89 -2.62 14.35
C SER C 286 2.30 -3.65 15.40
N VAL C 287 2.54 -3.15 16.61
CA VAL C 287 3.08 -3.95 17.71
C VAL C 287 2.09 -3.95 18.86
N ILE C 288 1.74 -5.14 19.33
CA ILE C 288 0.88 -5.32 20.50
C ILE C 288 1.78 -5.69 21.67
N LEU C 289 1.71 -4.91 22.75
CA LEU C 289 2.64 -5.03 23.87
C LEU C 289 2.01 -5.81 25.02
N PHE C 290 2.72 -6.81 25.53
CA PHE C 290 2.31 -7.55 26.71
C PHE C 290 3.37 -7.48 27.78
N LEU C 291 2.96 -7.12 29.00
CA LEU C 291 3.83 -7.00 30.15
C LEU C 291 3.46 -8.08 31.16
N ASN C 292 4.28 -9.13 31.25
CA ASN C 292 3.96 -10.27 32.11
C ASN C 292 4.57 -10.10 33.50
N LYS C 293 4.26 -11.07 34.36
CA LYS C 293 4.79 -11.21 35.73
C LYS C 293 4.42 -10.01 36.59
N GLN C 294 3.11 -9.74 36.64
CA GLN C 294 2.63 -8.65 37.49
C GLN C 294 2.69 -9.05 38.96
N ASP C 295 2.47 -10.33 39.26
CA ASP C 295 2.54 -10.79 40.65
C ASP C 295 3.98 -10.78 41.15
N LEU C 296 4.94 -11.14 40.29
CA LEU C 296 6.35 -11.09 40.68
C LEU C 296 6.82 -9.65 40.85
N LEU C 297 6.29 -8.73 40.02
CA LEU C 297 6.60 -7.31 40.20
C LEU C 297 5.98 -6.77 41.48
N ALA C 298 4.78 -7.23 41.83
CA ALA C 298 4.13 -6.82 43.06
C ALA C 298 4.88 -7.33 44.28
N GLU C 299 5.36 -8.57 44.24
CA GLU C 299 6.19 -9.10 45.32
C GLU C 299 7.54 -8.39 45.40
N LYS C 300 8.08 -7.97 44.26
CA LYS C 300 9.34 -7.23 44.25
C LYS C 300 9.17 -5.84 44.87
N VAL C 301 8.04 -5.19 44.61
CA VAL C 301 7.79 -3.87 45.21
C VAL C 301 7.48 -4.01 46.69
N LEU C 302 6.65 -4.98 47.07
CA LEU C 302 6.31 -5.20 48.48
C LEU C 302 7.48 -5.74 49.30
N ALA C 303 8.49 -6.33 48.66
CA ALA C 303 9.67 -6.82 49.38
C ALA C 303 10.47 -5.67 49.99
N GLY C 304 10.48 -4.50 49.35
CA GLY C 304 11.19 -3.35 49.85
C GLY C 304 12.52 -3.08 49.19
N LYS C 305 13.03 -4.03 48.41
CA LYS C 305 14.28 -3.82 47.69
C LYS C 305 14.06 -2.86 46.53
N SER C 306 15.00 -1.95 46.33
CA SER C 306 14.92 -0.94 45.27
C SER C 306 15.45 -1.55 43.99
N LYS C 307 14.54 -1.96 43.11
CA LYS C 307 14.91 -2.50 41.80
C LYS C 307 14.36 -1.67 40.65
N ILE C 308 13.66 -0.57 40.93
CA ILE C 308 13.22 0.34 39.88
C ILE C 308 13.63 1.79 40.16
N GLU C 309 13.92 2.18 41.40
CA GLU C 309 14.47 3.49 41.66
C GLU C 309 15.97 3.54 41.32
N ASP C 310 16.67 2.43 41.54
CA ASP C 310 18.09 2.37 41.21
C ASP C 310 18.28 2.31 39.70
N TYR C 311 17.47 1.52 39.00
CA TYR C 311 17.61 1.39 37.57
C TYR C 311 17.04 2.60 36.82
N PHE C 312 16.01 3.23 37.37
CA PHE C 312 15.37 4.38 36.71
C PHE C 312 15.24 5.52 37.72
N PRO C 313 15.89 6.66 37.48
CA PRO C 313 15.74 7.79 38.42
C PRO C 313 14.45 8.57 38.25
N GLU C 314 13.74 8.38 37.14
CA GLU C 314 12.51 9.12 36.88
C GLU C 314 11.36 8.61 37.74
N PHE C 315 11.48 7.40 38.28
CA PHE C 315 10.43 6.83 39.14
C PHE C 315 10.26 7.58 40.45
N ALA C 316 11.29 8.28 40.92
CA ALA C 316 11.17 9.07 42.14
C ALA C 316 10.26 10.28 41.93
N ARG C 317 10.45 11.00 40.83
CA ARG C 317 9.62 12.15 40.49
C ARG C 317 8.50 11.74 39.53
N TYR C 318 7.71 10.74 39.92
CA TYR C 318 6.63 10.22 39.10
C TYR C 318 5.38 10.05 39.94
N THR C 319 4.24 10.43 39.36
CA THR C 319 2.94 10.29 40.01
C THR C 319 2.07 9.35 39.20
N THR C 320 1.12 8.71 39.88
CA THR C 320 0.19 7.81 39.22
C THR C 320 -0.77 8.60 38.33
N PRO C 321 -0.97 8.20 37.07
CA PRO C 321 -1.87 8.95 36.19
C PRO C 321 -3.33 8.82 36.61
N GLU C 322 -4.08 9.89 36.37
CA GLU C 322 -5.48 9.94 36.79
C GLU C 322 -6.37 9.11 35.89
N ASP C 323 -6.08 9.06 34.59
CA ASP C 323 -6.85 8.24 33.66
C ASP C 323 -6.57 6.76 33.80
N ALA C 324 -5.52 6.38 34.53
CA ALA C 324 -5.23 4.97 34.78
C ALA C 324 -6.27 4.37 35.71
N THR C 325 -6.69 3.14 35.41
CA THR C 325 -7.66 2.43 36.23
C THR C 325 -6.96 1.37 37.05
N PRO C 326 -6.80 1.56 38.36
CA PRO C 326 -6.10 0.56 39.16
C PRO C 326 -6.99 -0.61 39.54
N GLU C 327 -6.39 -1.79 39.58
CA GLU C 327 -7.10 -2.97 40.05
C GLU C 327 -7.23 -2.89 41.57
N PRO C 328 -8.41 -3.16 42.13
CA PRO C 328 -8.57 -3.09 43.59
C PRO C 328 -7.87 -4.25 44.29
N GLY C 329 -7.37 -3.96 45.49
CA GLY C 329 -6.61 -4.92 46.26
C GLY C 329 -5.11 -4.89 46.02
N GLU C 330 -4.59 -3.84 45.40
CA GLU C 330 -3.17 -3.73 45.08
C GLU C 330 -2.55 -2.56 45.83
N ASP C 331 -1.25 -2.69 46.10
CA ASP C 331 -0.45 -1.57 46.58
C ASP C 331 -0.40 -0.50 45.50
N PRO C 332 -0.70 0.76 45.80
CA PRO C 332 -0.53 1.83 44.80
C PRO C 332 0.90 2.06 44.34
N ARG C 333 1.91 1.59 45.09
CA ARG C 333 3.28 1.62 44.58
C ARG C 333 3.44 0.67 43.40
N VAL C 334 2.80 -0.50 43.46
CA VAL C 334 2.84 -1.45 42.36
C VAL C 334 2.14 -0.89 41.13
N THR C 335 0.99 -0.24 41.35
CA THR C 335 0.26 0.41 40.26
C THR C 335 1.07 1.56 39.65
N ARG C 336 1.78 2.30 40.51
CA ARG C 336 2.65 3.38 40.04
C ARG C 336 3.80 2.85 39.19
N ALA C 337 4.40 1.73 39.60
CA ALA C 337 5.48 1.15 38.81
C ALA C 337 4.97 0.58 37.48
N LYS C 338 3.78 -0.04 37.51
CA LYS C 338 3.17 -0.57 36.29
C LYS C 338 2.91 0.52 35.27
N TYR C 339 2.24 1.59 35.68
CA TYR C 339 1.96 2.66 34.73
C TYR C 339 3.20 3.52 34.46
N PHE C 340 4.24 3.44 35.28
CA PHE C 340 5.51 4.06 34.94
C PHE C 340 6.17 3.35 33.75
N ILE C 341 6.21 2.01 33.81
CA ILE C 341 6.76 1.25 32.69
C ILE C 341 5.88 1.41 31.44
N ARG C 342 4.56 1.51 31.64
CA ARG C 342 3.64 1.74 30.53
C ARG C 342 3.88 3.11 29.89
N ASP C 343 4.16 4.12 30.72
CA ASP C 343 4.45 5.45 30.18
C ASP C 343 5.81 5.51 29.52
N GLU C 344 6.77 4.68 29.96
CA GLU C 344 8.06 4.59 29.26
C GLU C 344 7.87 4.03 27.86
N PHE C 345 7.12 2.93 27.74
CA PHE C 345 6.84 2.38 26.41
C PHE C 345 6.00 3.31 25.55
N LEU C 346 5.06 4.05 26.16
CA LEU C 346 4.29 5.03 25.39
C LEU C 346 5.15 6.21 24.95
N ARG C 347 6.13 6.62 25.76
CA ARG C 347 7.01 7.71 25.37
C ARG C 347 7.90 7.29 24.20
N ILE C 348 8.43 6.05 24.25
CA ILE C 348 9.25 5.56 23.15
C ILE C 348 8.42 5.39 21.87
N SER C 349 7.17 4.94 21.99
CA SER C 349 6.32 4.80 20.81
C SER C 349 5.87 6.17 20.28
N THR C 350 5.64 7.14 21.15
CA THR C 350 5.13 8.44 20.76
C THR C 350 6.22 9.32 20.13
N ALA C 351 7.47 9.17 20.59
CA ALA C 351 8.56 10.07 20.17
C ALA C 351 8.87 9.97 18.68
N SER C 352 8.55 8.83 18.05
CA SER C 352 8.80 8.70 16.62
C SER C 352 7.78 9.50 15.81
N GLY C 353 6.50 9.17 15.94
CA GLY C 353 5.45 9.92 15.26
C GLY C 353 5.20 9.64 13.80
N ASP C 354 6.27 9.55 13.00
CA ASP C 354 6.14 9.44 11.54
C ASP C 354 5.60 8.08 11.09
N GLY C 355 5.77 7.04 11.90
CA GLY C 355 5.30 5.72 11.50
C GLY C 355 3.79 5.63 11.53
N ARG C 356 3.24 4.90 10.55
CA ARG C 356 1.79 4.71 10.43
C ARG C 356 1.36 3.42 11.14
N HIS C 357 1.65 3.35 12.43
CA HIS C 357 1.32 2.19 13.24
C HIS C 357 1.11 2.62 14.69
N TYR C 358 0.45 1.77 15.45
CA TYR C 358 0.01 2.09 16.80
C TYR C 358 0.38 0.96 17.76
N CYS C 359 0.56 1.31 19.03
CA CYS C 359 1.00 0.36 20.04
C CYS C 359 -0.11 0.11 21.05
N TYR C 360 -0.24 -1.14 21.50
CA TYR C 360 -1.32 -1.56 22.40
C TYR C 360 -0.73 -2.16 23.67
N PRO C 361 -0.63 -1.39 24.75
CA PRO C 361 -0.10 -1.96 26.00
C PRO C 361 -1.17 -2.73 26.77
N HIS C 362 -0.76 -3.86 27.35
CA HIS C 362 -1.65 -4.71 28.13
C HIS C 362 -0.90 -5.30 29.30
N PHE C 363 -1.50 -5.24 30.49
CA PHE C 363 -0.94 -5.83 31.70
C PHE C 363 -1.52 -7.22 31.87
N THR C 364 -0.67 -8.24 31.93
CA THR C 364 -1.10 -9.62 32.05
C THR C 364 -0.39 -10.32 33.19
N CYS C 365 -1.14 -11.10 33.96
CA CYS C 365 -0.60 -11.90 35.05
C CYS C 365 0.00 -13.19 34.51
N ALA C 366 0.30 -14.13 35.41
CA ALA C 366 0.92 -15.39 34.99
C ALA C 366 -0.06 -16.29 34.28
N VAL C 367 -1.27 -16.44 34.81
CA VAL C 367 -2.30 -17.29 34.22
C VAL C 367 -3.50 -16.41 33.90
N ASP C 368 -3.75 -16.21 32.61
CA ASP C 368 -4.86 -15.39 32.13
C ASP C 368 -5.58 -16.09 31.00
N THR C 369 -6.87 -15.77 30.86
CA THR C 369 -7.71 -16.29 29.79
C THR C 369 -8.01 -15.25 28.72
N GLU C 370 -8.04 -13.97 29.09
CA GLU C 370 -8.47 -12.85 28.27
C GLU C 370 -7.45 -12.47 27.19
N ASN C 371 -6.31 -13.17 27.10
CA ASN C 371 -5.23 -12.77 26.21
C ASN C 371 -5.61 -12.93 24.74
N ILE C 372 -6.30 -14.03 24.41
CA ILE C 372 -6.73 -14.28 23.05
C ILE C 372 -7.79 -13.27 22.64
N ARG C 373 -8.67 -12.88 23.57
CA ARG C 373 -9.67 -11.87 23.30
C ARG C 373 -9.05 -10.50 23.09
N ARG C 374 -7.99 -10.18 23.86
CA ARG C 374 -7.29 -8.91 23.67
C ARG C 374 -6.56 -8.86 22.35
N VAL C 375 -5.93 -9.97 21.94
CA VAL C 375 -5.26 -10.04 20.64
C VAL C 375 -6.28 -9.93 19.51
N PHE C 376 -7.46 -10.56 19.67
CA PHE C 376 -8.50 -10.48 18.65
C PHE C 376 -9.05 -9.06 18.51
N ASN C 377 -9.30 -8.39 19.64
CA ASN C 377 -9.80 -7.02 19.60
C ASN C 377 -8.77 -6.06 19.03
N ASP C 378 -7.49 -6.26 19.37
CA ASP C 378 -6.46 -5.37 18.86
C ASP C 378 -6.20 -5.60 17.37
N CYS C 379 -6.29 -6.85 16.91
CA CYS C 379 -6.13 -7.11 15.48
C CYS C 379 -7.31 -6.58 14.68
N ARG C 380 -8.52 -6.68 15.23
CA ARG C 380 -9.68 -6.07 14.60
C ARG C 380 -9.54 -4.55 14.53
N ASP C 381 -8.98 -3.95 15.59
CA ASP C 381 -8.71 -2.51 15.60
C ASP C 381 -7.69 -2.13 14.53
N ILE C 382 -6.64 -2.94 14.37
CA ILE C 382 -5.61 -2.67 13.37
C ILE C 382 -6.19 -2.77 11.95
N ILE C 383 -7.01 -3.79 11.70
CA ILE C 383 -7.61 -3.95 10.38
C ILE C 383 -8.60 -2.82 10.07
N GLN C 384 -9.40 -2.42 11.06
CA GLN C 384 -10.36 -1.34 10.82
C GLN C 384 -9.67 0.02 10.65
N ARG C 385 -8.59 0.26 11.42
CA ARG C 385 -7.81 1.48 11.19
C ARG C 385 -7.11 1.47 9.84
N MET C 386 -6.70 0.30 9.36
CA MET C 386 -6.10 0.20 8.03
C MET C 386 -7.11 0.52 6.94
N HIS C 387 -8.35 0.02 7.08
CA HIS C 387 -9.37 0.32 6.08
C HIS C 387 -9.81 1.78 6.13
N LEU C 388 -9.90 2.37 7.34
CA LEU C 388 -10.21 3.79 7.45
C LEU C 388 -9.08 4.65 6.91
N ARG C 389 -7.84 4.17 7.01
CA ARG C 389 -6.70 4.89 6.42
C ARG C 389 -6.71 4.78 4.91
N GLN C 390 -7.12 3.63 4.37
CA GLN C 390 -7.23 3.48 2.91
C GLN C 390 -8.36 4.34 2.35
N TYR C 391 -9.46 4.47 3.08
CA TYR C 391 -10.55 5.35 2.69
C TYR C 391 -10.34 6.81 3.13
N GLU C 392 -9.14 7.14 3.61
CA GLU C 392 -8.69 8.51 3.93
C GLU C 392 -9.49 9.17 5.04
N LEU C 393 -10.24 8.40 5.82
CA LEU C 393 -11.01 8.98 6.92
C LEU C 393 -10.14 9.32 8.12
N LEU C 394 -9.11 8.51 8.39
CA LEU C 394 -8.15 8.81 9.44
C LEU C 394 -7.00 9.66 8.89
N GLU D 8 48.64 -15.01 27.27
CA GLU D 8 48.16 -15.94 26.26
C GLU D 8 47.43 -15.20 25.14
N LEU D 9 46.43 -14.40 25.53
CA LEU D 9 45.67 -13.62 24.56
C LEU D 9 46.50 -12.50 23.94
N ASP D 10 47.40 -11.90 24.73
CA ASP D 10 48.11 -10.70 24.29
C ASP D 10 49.07 -11.00 23.15
N GLN D 11 49.86 -12.07 23.28
CA GLN D 11 50.82 -12.43 22.23
C GLN D 11 50.11 -12.90 20.95
N LEU D 12 48.96 -13.57 21.09
CA LEU D 12 48.22 -14.00 19.91
C LEU D 12 47.58 -12.82 19.20
N ARG D 13 47.06 -11.84 19.95
CA ARG D 13 46.49 -10.66 19.32
C ARG D 13 47.57 -9.79 18.66
N GLN D 14 48.74 -9.68 19.29
CA GLN D 14 49.83 -8.93 18.66
C GLN D 14 50.36 -9.63 17.42
N GLU D 15 50.43 -10.97 17.45
CA GLU D 15 50.85 -11.72 16.27
C GLU D 15 49.82 -11.60 15.15
N ALA D 16 48.53 -11.57 15.50
CA ALA D 16 47.49 -11.39 14.50
C ALA D 16 47.55 -9.99 13.89
N GLU D 17 47.82 -8.97 14.70
CA GLU D 17 47.96 -7.61 14.19
C GLU D 17 49.20 -7.48 13.30
N GLN D 18 50.29 -8.14 13.65
CA GLN D 18 51.49 -8.12 12.81
C GLN D 18 51.25 -8.83 11.47
N LEU D 19 50.52 -9.96 11.50
CA LEU D 19 50.19 -10.65 10.25
C LEU D 19 49.24 -9.83 9.38
N LYS D 20 48.27 -9.14 10.00
CA LYS D 20 47.38 -8.27 9.22
C LYS D 20 48.13 -7.08 8.64
N ASN D 21 49.09 -6.52 9.39
CA ASN D 21 49.91 -5.43 8.85
C ASN D 21 50.80 -5.92 7.72
N GLN D 22 51.30 -7.16 7.82
CA GLN D 22 52.08 -7.74 6.73
C GLN D 22 51.24 -7.95 5.47
N ILE D 23 49.99 -8.40 5.64
CA ILE D 23 49.09 -8.58 4.50
C ILE D 23 48.73 -7.23 3.87
N ARG D 24 48.51 -6.20 4.71
CA ARG D 24 48.22 -4.87 4.19
C ARG D 24 49.42 -4.28 3.45
N ASP D 25 50.64 -4.50 3.96
CA ASP D 25 51.83 -4.03 3.28
C ASP D 25 52.07 -4.77 1.98
N ALA D 26 51.74 -6.07 1.94
CA ALA D 26 51.87 -6.83 0.69
C ALA D 26 50.85 -6.37 -0.34
N ARG D 27 49.62 -6.06 0.09
CA ARG D 27 48.62 -5.52 -0.82
C ARG D 27 48.98 -4.13 -1.32
N LYS D 28 49.62 -3.32 -0.47
CA LYS D 28 50.08 -2.00 -0.90
C LYS D 28 51.23 -2.11 -1.89
N ALA D 29 52.15 -3.07 -1.66
CA ALA D 29 53.28 -3.27 -2.56
C ALA D 29 52.84 -3.85 -3.90
N CYS D 30 51.84 -4.72 -3.90
CA CYS D 30 51.34 -5.28 -5.15
C CYS D 30 50.40 -4.36 -5.91
N ALA D 31 50.07 -3.19 -5.34
CA ALA D 31 49.23 -2.22 -6.03
C ALA D 31 50.03 -1.53 -7.14
N ASP D 32 50.00 -2.10 -8.35
CA ASP D 32 50.82 -1.59 -9.43
C ASP D 32 50.24 -0.30 -10.01
N ALA D 33 48.94 -0.26 -10.25
CA ALA D 33 48.30 0.90 -10.85
C ALA D 33 46.84 0.94 -10.40
N THR D 34 46.05 1.78 -11.08
CA THR D 34 44.64 1.95 -10.80
C THR D 34 43.86 1.56 -12.05
N LEU D 35 42.73 0.87 -11.86
CA LEU D 35 41.92 0.41 -12.99
C LEU D 35 41.29 1.58 -13.74
N SER D 36 40.89 2.63 -13.03
CA SER D 36 40.31 3.80 -13.70
C SER D 36 41.36 4.55 -14.53
N GLN D 37 42.60 4.60 -14.03
CA GLN D 37 43.66 5.31 -14.74
C GLN D 37 44.04 4.63 -16.05
N ILE D 38 43.91 3.31 -16.13
CA ILE D 38 44.19 2.59 -17.36
C ILE D 38 42.94 2.35 -18.21
N THR D 39 41.74 2.56 -17.66
CA THR D 39 40.52 2.50 -18.45
C THR D 39 39.96 3.86 -18.79
N ASN D 40 40.70 4.94 -18.54
CA ASN D 40 40.32 6.25 -19.05
C ASN D 40 40.24 6.27 -20.58
N ASN D 41 41.12 5.53 -21.25
CA ASN D 41 41.11 5.47 -22.72
C ASN D 41 40.22 4.33 -23.25
N ILE D 42 38.99 4.29 -22.75
CA ILE D 42 38.00 3.30 -23.16
C ILE D 42 36.74 4.06 -23.57
N ASP D 43 36.18 3.69 -24.72
CA ASP D 43 34.91 4.27 -25.16
C ASP D 43 33.80 3.87 -24.20
N PRO D 44 33.02 4.82 -23.68
CA PRO D 44 31.97 4.47 -22.73
C PRO D 44 30.80 3.77 -23.40
N VAL D 45 30.00 3.10 -22.57
CA VAL D 45 28.83 2.38 -23.08
C VAL D 45 27.75 3.36 -23.51
N GLY D 46 27.48 4.36 -22.70
CA GLY D 46 26.43 5.32 -22.98
C GLY D 46 25.15 4.98 -22.26
N ARG D 47 24.08 5.64 -22.68
CA ARG D 47 22.77 5.43 -22.07
C ARG D 47 22.18 4.10 -22.52
N ILE D 48 21.82 3.26 -21.56
CA ILE D 48 21.19 1.98 -21.82
C ILE D 48 19.73 2.07 -21.41
N GLN D 49 18.84 1.94 -22.39
CA GLN D 49 17.40 2.01 -22.18
C GLN D 49 16.82 0.62 -22.41
N MET D 50 16.36 -0.01 -21.34
CA MET D 50 15.76 -1.34 -21.41
C MET D 50 14.27 -1.23 -21.14
N ARG D 51 13.48 -1.98 -21.89
CA ARG D 51 12.04 -1.95 -21.77
C ARG D 51 11.53 -3.30 -21.28
N THR D 52 10.45 -3.25 -20.50
CA THR D 52 9.81 -4.45 -19.98
C THR D 52 9.13 -5.22 -21.11
N ARG D 53 9.54 -6.46 -21.31
CA ARG D 53 8.93 -7.32 -22.33
C ARG D 53 7.80 -8.16 -21.75
N ARG D 54 8.03 -8.80 -20.61
CA ARG D 54 7.04 -9.66 -19.98
C ARG D 54 6.85 -9.23 -18.53
N THR D 55 5.66 -9.52 -17.99
CA THR D 55 5.36 -9.24 -16.60
C THR D 55 4.59 -10.42 -16.01
N LEU D 56 5.15 -11.03 -14.98
CA LEU D 56 4.64 -12.27 -14.41
C LEU D 56 3.88 -11.94 -13.13
N ARG D 57 2.59 -12.32 -13.06
CA ARG D 57 1.74 -11.98 -11.91
C ARG D 57 1.07 -13.22 -11.32
N GLY D 58 1.83 -14.06 -10.63
CA GLY D 58 1.23 -15.21 -9.99
C GLY D 58 1.27 -15.21 -8.47
N HIS D 59 2.34 -14.64 -7.93
CA HIS D 59 2.56 -14.57 -6.50
C HIS D 59 1.66 -13.55 -5.80
N LEU D 60 1.22 -13.90 -4.58
CA LEU D 60 0.41 -13.00 -3.77
C LEU D 60 1.28 -12.23 -2.78
N ALA D 61 2.14 -12.95 -2.05
CA ALA D 61 3.09 -12.39 -1.10
C ALA D 61 4.32 -11.92 -1.86
N LYS D 62 5.17 -11.17 -1.17
CA LYS D 62 6.39 -10.63 -1.78
C LYS D 62 7.31 -11.73 -2.29
N ILE D 63 7.90 -11.49 -3.46
CA ILE D 63 8.81 -12.43 -4.10
C ILE D 63 10.21 -12.18 -3.57
N TYR D 64 10.86 -13.23 -3.04
CA TYR D 64 12.13 -13.00 -2.39
C TYR D 64 13.34 -13.36 -3.24
N ALA D 65 13.28 -14.46 -4.00
CA ALA D 65 14.43 -14.89 -4.78
C ALA D 65 13.96 -15.56 -6.06
N MET D 66 14.81 -15.48 -7.09
CA MET D 66 14.57 -16.20 -8.33
C MET D 66 15.89 -16.80 -8.83
N HIS D 67 15.76 -17.69 -9.81
CA HIS D 67 16.94 -18.30 -10.45
C HIS D 67 16.55 -18.78 -11.83
N TRP D 68 17.34 -18.39 -12.84
CA TRP D 68 17.10 -18.81 -14.21
C TRP D 68 17.50 -20.27 -14.42
N GLY D 69 16.99 -20.84 -15.51
CA GLY D 69 17.44 -22.13 -15.99
C GLY D 69 18.60 -22.02 -16.95
N THR D 70 19.26 -23.15 -17.19
CA THR D 70 20.40 -23.19 -18.10
C THR D 70 19.99 -23.19 -19.56
N ASP D 71 18.70 -23.38 -19.87
CA ASP D 71 18.20 -23.23 -21.22
C ASP D 71 17.66 -21.83 -21.51
N SER D 72 17.75 -20.93 -20.52
CA SER D 72 17.23 -19.55 -20.58
C SER D 72 15.74 -19.50 -20.92
N ARG D 73 15.00 -20.50 -20.48
CA ARG D 73 13.59 -20.66 -20.82
C ARG D 73 12.68 -20.66 -19.59
N LEU D 74 13.01 -21.45 -18.58
CA LEU D 74 12.20 -21.59 -17.38
C LEU D 74 12.88 -20.87 -16.22
N LEU D 75 12.06 -20.29 -15.34
CA LEU D 75 12.61 -19.61 -14.17
C LEU D 75 11.79 -19.94 -12.94
N VAL D 76 12.47 -20.18 -11.83
CA VAL D 76 11.84 -20.56 -10.57
C VAL D 76 11.79 -19.34 -9.67
N SER D 77 10.62 -19.05 -9.10
CA SER D 77 10.45 -17.92 -8.20
C SER D 77 9.82 -18.39 -6.89
N ALA D 78 10.26 -17.81 -5.78
CA ALA D 78 9.82 -18.18 -4.44
C ALA D 78 9.16 -16.98 -3.76
N SER D 79 8.02 -17.22 -3.13
CA SER D 79 7.33 -16.17 -2.39
C SER D 79 7.16 -16.57 -0.93
N GLN D 80 6.78 -15.57 -0.12
CA GLN D 80 6.64 -15.73 1.32
C GLN D 80 5.31 -16.34 1.73
N ASP D 81 4.35 -16.51 0.81
CA ASP D 81 3.10 -17.16 1.16
C ASP D 81 3.23 -18.68 1.23
N GLY D 82 4.30 -19.24 0.68
CA GLY D 82 4.49 -20.67 0.65
C GLY D 82 4.33 -21.23 -0.75
N LYS D 83 4.66 -20.42 -1.75
CA LYS D 83 4.48 -20.79 -3.15
C LYS D 83 5.81 -20.75 -3.89
N LEU D 84 6.10 -21.81 -4.63
CA LEU D 84 7.29 -21.93 -5.46
C LEU D 84 6.83 -22.18 -6.89
N ILE D 85 6.90 -21.17 -7.74
CA ILE D 85 6.31 -21.23 -9.08
C ILE D 85 7.42 -21.32 -10.13
N ILE D 86 7.35 -22.35 -10.96
CA ILE D 86 8.19 -22.48 -12.14
C ILE D 86 7.45 -21.87 -13.31
N TRP D 87 7.94 -20.72 -13.78
CA TRP D 87 7.39 -19.93 -14.88
C TRP D 87 8.06 -20.30 -16.19
N ASP D 88 7.28 -20.22 -17.27
CA ASP D 88 7.82 -20.17 -18.63
C ASP D 88 7.93 -18.70 -19.01
N SER D 89 9.14 -18.26 -19.35
CA SER D 89 9.42 -16.84 -19.54
C SER D 89 8.88 -16.30 -20.86
N TYR D 90 8.66 -17.15 -21.86
CA TYR D 90 8.23 -16.64 -23.17
C TYR D 90 6.75 -16.28 -23.18
N THR D 91 5.89 -17.21 -22.79
CA THR D 91 4.45 -17.06 -22.95
C THR D 91 3.73 -16.68 -21.67
N THR D 92 4.47 -16.36 -20.60
CA THR D 92 3.96 -15.99 -19.27
C THR D 92 3.02 -17.05 -18.70
N ASN D 93 3.32 -18.31 -18.95
CA ASN D 93 2.53 -19.43 -18.48
C ASN D 93 3.25 -20.09 -17.31
N LYS D 94 2.50 -20.41 -16.26
CA LYS D 94 3.07 -21.03 -15.07
C LYS D 94 3.12 -22.54 -15.32
N VAL D 95 4.33 -23.05 -15.57
CA VAL D 95 4.50 -24.48 -15.82
C VAL D 95 4.20 -25.28 -14.56
N HIS D 96 4.69 -24.82 -13.40
CA HIS D 96 4.46 -25.54 -12.16
C HIS D 96 4.20 -24.60 -11.00
N ALA D 97 3.33 -25.04 -10.09
CA ALA D 97 3.05 -24.35 -8.83
C ALA D 97 3.29 -25.37 -7.74
N ILE D 98 4.15 -25.05 -6.78
CA ILE D 98 4.48 -25.99 -5.72
C ILE D 98 4.13 -25.40 -4.36
N PRO D 99 3.30 -26.07 -3.57
CA PRO D 99 3.03 -25.60 -2.20
C PRO D 99 4.25 -25.89 -1.34
N LEU D 100 4.51 -25.02 -0.38
CA LEU D 100 5.68 -25.17 0.48
C LEU D 100 5.28 -25.49 1.91
N ARG D 101 6.02 -26.43 2.51
CA ARG D 101 5.79 -26.85 3.89
C ARG D 101 6.03 -25.69 4.85
N SER D 102 7.07 -24.89 4.60
CA SER D 102 7.40 -23.74 5.43
C SER D 102 6.97 -22.48 4.69
N SER D 103 6.21 -21.64 5.39
CA SER D 103 5.69 -20.41 4.80
C SER D 103 6.80 -19.44 4.39
N TRP D 104 7.86 -19.34 5.17
CA TRP D 104 8.92 -18.37 4.89
C TRP D 104 10.06 -19.04 4.15
N VAL D 105 10.36 -18.53 2.95
CA VAL D 105 11.42 -19.03 2.09
C VAL D 105 12.36 -17.88 1.76
N MET D 106 13.66 -18.09 1.91
CA MET D 106 14.64 -17.06 1.63
C MET D 106 15.58 -17.39 0.47
N THR D 107 15.47 -18.57 -0.14
CA THR D 107 16.34 -18.92 -1.25
C THR D 107 15.68 -20.00 -2.11
N CYS D 108 16.01 -19.97 -3.40
CA CYS D 108 15.55 -20.98 -4.35
C CYS D 108 16.62 -21.18 -5.41
N ALA D 109 16.66 -22.38 -5.97
CA ALA D 109 17.69 -22.75 -6.94
C ALA D 109 17.13 -23.75 -7.93
N TYR D 110 17.64 -23.69 -9.16
CA TYR D 110 17.28 -24.59 -10.23
C TYR D 110 18.51 -25.37 -10.66
N ALA D 111 18.35 -26.69 -10.82
CA ALA D 111 19.48 -27.55 -11.12
C ALA D 111 19.96 -27.33 -12.56
N PRO D 112 21.27 -27.49 -12.82
CA PRO D 112 21.76 -27.33 -14.19
C PRO D 112 21.28 -28.42 -15.14
N SER D 113 20.97 -29.62 -14.62
CA SER D 113 20.32 -30.63 -15.45
C SER D 113 18.87 -30.25 -15.73
N GLY D 114 18.21 -29.58 -14.79
CA GLY D 114 16.83 -29.18 -14.94
C GLY D 114 15.82 -30.03 -14.21
N ASN D 115 16.27 -31.07 -13.51
CA ASN D 115 15.34 -32.00 -12.88
C ASN D 115 14.99 -31.64 -11.44
N TYR D 116 15.85 -30.89 -10.75
CA TYR D 116 15.66 -30.63 -9.33
C TYR D 116 15.51 -29.13 -9.07
N VAL D 117 14.70 -28.80 -8.06
CA VAL D 117 14.49 -27.42 -7.63
C VAL D 117 14.61 -27.38 -6.12
N ALA D 118 15.49 -26.53 -5.60
CA ALA D 118 15.70 -26.42 -4.16
C ALA D 118 15.11 -25.12 -3.63
N CYS D 119 14.69 -25.17 -2.37
CA CYS D 119 14.19 -24.00 -1.66
C CYS D 119 14.65 -24.06 -0.21
N GLY D 120 14.71 -22.89 0.42
CA GLY D 120 15.14 -22.82 1.81
C GLY D 120 14.70 -21.53 2.46
N GLY D 121 14.46 -21.59 3.76
CA GLY D 121 14.01 -20.43 4.50
C GLY D 121 14.29 -20.49 5.98
N LEU D 122 13.37 -19.94 6.79
CA LEU D 122 13.55 -19.86 8.23
C LEU D 122 13.39 -21.20 8.95
N ASP D 123 12.94 -22.25 8.26
CA ASP D 123 12.76 -23.56 8.87
C ASP D 123 14.07 -24.34 9.04
N ASN D 124 15.20 -23.75 8.63
CA ASN D 124 16.55 -24.31 8.71
C ASN D 124 16.70 -25.60 7.91
N ILE D 125 15.81 -25.85 6.93
CA ILE D 125 15.77 -27.09 6.18
C ILE D 125 15.76 -26.74 4.70
N CYS D 126 16.71 -27.29 3.95
CA CYS D 126 16.74 -27.15 2.50
C CYS D 126 15.90 -28.26 1.89
N SER D 127 14.85 -27.89 1.16
CA SER D 127 13.95 -28.86 0.54
C SER D 127 14.25 -28.94 -0.95
N ILE D 128 14.58 -30.14 -1.41
CA ILE D 128 14.89 -30.40 -2.81
C ILE D 128 13.73 -31.21 -3.39
N TYR D 129 13.14 -30.67 -4.46
CA TYR D 129 12.00 -31.23 -5.15
C TYR D 129 12.46 -31.82 -6.48
N ASN D 130 11.89 -32.97 -6.85
CA ASN D 130 12.22 -33.66 -8.09
C ASN D 130 11.12 -33.43 -9.12
N LEU D 131 11.52 -33.28 -10.38
CA LEU D 131 10.60 -33.13 -11.49
C LEU D 131 10.59 -34.36 -12.39
N LYS D 132 11.10 -35.49 -11.90
CA LYS D 132 11.18 -36.74 -12.64
C LYS D 132 9.92 -37.60 -12.44
N THR D 133 8.93 -37.07 -11.72
CA THR D 133 7.77 -37.86 -11.33
C THR D 133 6.87 -38.16 -12.53
N ARG D 134 6.52 -39.44 -12.69
CA ARG D 134 5.67 -39.86 -13.79
C ARG D 134 4.21 -39.47 -13.59
N GLU D 135 3.81 -39.19 -12.35
CA GLU D 135 2.43 -38.80 -12.08
C GLU D 135 2.13 -37.37 -12.51
N GLY D 136 3.16 -36.55 -12.73
CA GLY D 136 2.98 -35.15 -13.02
C GLY D 136 2.85 -34.26 -11.81
N ASN D 137 2.88 -34.83 -10.61
CA ASN D 137 2.81 -34.07 -9.37
C ASN D 137 4.19 -33.98 -8.74
N VAL D 138 4.53 -32.77 -8.28
CA VAL D 138 5.80 -32.56 -7.60
C VAL D 138 5.78 -33.21 -6.23
N ARG D 139 6.98 -33.52 -5.73
CA ARG D 139 7.12 -34.15 -4.43
C ARG D 139 8.44 -33.74 -3.80
N VAL D 140 8.51 -33.83 -2.48
CA VAL D 140 9.74 -33.56 -1.75
C VAL D 140 10.69 -34.73 -2.01
N SER D 141 11.73 -34.49 -2.82
CA SER D 141 12.71 -35.54 -3.06
C SER D 141 13.59 -35.75 -1.83
N ARG D 142 14.07 -34.67 -1.22
CA ARG D 142 14.85 -34.82 0.01
C ARG D 142 14.83 -33.52 0.80
N GLU D 143 14.64 -33.64 2.12
CA GLU D 143 14.84 -32.53 3.03
C GLU D 143 16.20 -32.66 3.72
N LEU D 144 16.83 -31.51 3.98
CA LEU D 144 18.16 -31.45 4.57
C LEU D 144 18.12 -30.55 5.78
N ALA D 145 18.51 -31.09 6.94
CA ALA D 145 18.43 -30.38 8.22
C ALA D 145 19.74 -30.58 8.98
N GLY D 146 20.66 -29.63 8.83
CA GLY D 146 21.90 -29.66 9.58
C GLY D 146 22.36 -28.30 10.05
N HIS D 147 21.61 -27.26 9.71
CA HIS D 147 21.95 -25.90 10.08
C HIS D 147 21.10 -25.44 11.24
N THR D 148 21.71 -24.68 12.16
CA THR D 148 20.96 -24.12 13.28
C THR D 148 20.42 -22.74 12.97
N GLY D 149 21.19 -21.90 12.29
CA GLY D 149 20.72 -20.60 11.88
C GLY D 149 19.89 -20.65 10.61
N TYR D 150 19.27 -19.52 10.29
CA TYR D 150 18.35 -19.42 9.17
C TYR D 150 19.07 -19.60 7.84
N LEU D 151 18.37 -20.21 6.89
CA LEU D 151 18.98 -20.60 5.62
C LEU D 151 18.85 -19.44 4.65
N SER D 152 19.95 -19.08 3.99
CA SER D 152 19.99 -17.83 3.24
C SER D 152 20.23 -18.01 1.75
N CYS D 153 21.06 -18.96 1.34
CA CYS D 153 21.38 -19.12 -0.08
C CYS D 153 21.78 -20.57 -0.36
N CYS D 154 21.35 -21.07 -1.52
CA CYS D 154 21.73 -22.41 -1.96
C CYS D 154 21.81 -22.43 -3.47
N ARG D 155 22.83 -23.11 -4.00
CA ARG D 155 23.05 -23.22 -5.43
C ARG D 155 23.54 -24.63 -5.75
N PHE D 156 23.05 -25.18 -6.86
CA PHE D 156 23.42 -26.54 -7.26
C PHE D 156 24.77 -26.55 -7.96
N LEU D 157 25.64 -27.48 -7.53
CA LEU D 157 26.79 -27.86 -8.34
C LEU D 157 26.36 -28.82 -9.44
N ASP D 158 25.67 -29.88 -9.06
CA ASP D 158 25.15 -30.89 -9.99
C ASP D 158 23.95 -31.55 -9.33
N ASP D 159 23.53 -32.70 -9.86
CA ASP D 159 22.37 -33.40 -9.31
C ASP D 159 22.66 -34.09 -7.97
N ASN D 160 23.93 -34.25 -7.61
CA ASN D 160 24.29 -35.00 -6.40
C ASN D 160 24.84 -34.14 -5.28
N GLN D 161 25.34 -32.94 -5.58
CA GLN D 161 25.95 -32.09 -4.56
C GLN D 161 25.29 -30.72 -4.59
N ILE D 162 25.25 -30.07 -3.44
CA ILE D 162 24.70 -28.71 -3.35
C ILE D 162 25.46 -27.93 -2.29
N VAL D 163 25.80 -26.68 -2.62
CA VAL D 163 26.45 -25.75 -1.70
C VAL D 163 25.37 -24.89 -1.08
N THR D 164 25.39 -24.73 0.23
CA THR D 164 24.28 -24.15 0.97
C THR D 164 24.80 -23.17 2.01
N SER D 165 24.19 -21.99 2.06
CA SER D 165 24.55 -20.94 3.01
C SER D 165 23.49 -20.80 4.09
N SER D 166 23.93 -20.62 5.33
CA SER D 166 23.03 -20.44 6.45
C SER D 166 23.49 -19.28 7.32
N GLY D 167 22.63 -18.88 8.24
CA GLY D 167 22.86 -17.79 9.16
C GLY D 167 23.61 -18.14 10.43
N ASP D 168 24.13 -19.37 10.55
CA ASP D 168 24.91 -19.77 11.71
C ASP D 168 26.41 -19.66 11.45
N THR D 169 26.81 -18.68 10.64
CA THR D 169 28.21 -18.36 10.29
C THR D 169 28.93 -19.52 9.61
N THR D 170 28.21 -20.44 8.99
CA THR D 170 28.79 -21.60 8.34
C THR D 170 28.23 -21.77 6.94
N CYS D 171 29.00 -22.44 6.09
CA CYS D 171 28.52 -22.91 4.81
C CYS D 171 28.66 -24.43 4.77
N ALA D 172 27.92 -25.08 3.86
CA ALA D 172 27.93 -26.52 3.82
C ALA D 172 27.95 -27.01 2.37
N LEU D 173 28.58 -28.16 2.17
CA LEU D 173 28.47 -28.93 0.94
C LEU D 173 27.78 -30.23 1.30
N TRP D 174 26.57 -30.40 0.75
CA TRP D 174 25.68 -31.54 1.01
C TRP D 174 25.74 -32.51 -0.15
N ASP D 175 25.76 -33.80 0.17
CA ASP D 175 25.55 -34.86 -0.81
C ASP D 175 24.06 -35.18 -0.85
N ILE D 176 23.45 -35.00 -2.02
CA ILE D 176 22.01 -35.16 -2.15
C ILE D 176 21.63 -36.65 -2.13
N GLU D 177 22.54 -37.53 -2.56
CA GLU D 177 22.24 -38.96 -2.56
C GLU D 177 22.21 -39.53 -1.14
N THR D 178 23.24 -39.22 -0.34
CA THR D 178 23.27 -39.75 1.02
C THR D 178 22.39 -38.94 1.96
N GLY D 179 22.36 -37.62 1.79
CA GLY D 179 21.56 -36.75 2.63
C GLY D 179 22.29 -36.10 3.78
N GLN D 180 23.60 -36.29 3.89
CA GLN D 180 24.41 -35.68 4.92
C GLN D 180 25.34 -34.63 4.31
N GLN D 181 25.94 -33.83 5.18
CA GLN D 181 26.93 -32.85 4.74
C GLN D 181 28.19 -33.57 4.31
N THR D 182 28.62 -33.35 3.06
CA THR D 182 29.92 -33.83 2.64
C THR D 182 31.03 -33.08 3.37
N THR D 183 30.93 -31.76 3.43
CA THR D 183 31.90 -30.98 4.21
C THR D 183 31.26 -29.68 4.69
N THR D 184 31.98 -28.99 5.58
CA THR D 184 31.51 -27.75 6.15
C THR D 184 32.59 -26.69 6.04
N PHE D 185 32.17 -25.42 6.14
CA PHE D 185 33.06 -24.27 5.99
C PHE D 185 32.79 -23.32 7.15
N THR D 186 33.78 -23.12 8.01
CA THR D 186 33.62 -22.36 9.25
C THR D 186 34.71 -21.28 9.29
N GLY D 187 34.40 -20.10 8.76
CA GLY D 187 35.35 -19.00 8.78
C GLY D 187 34.74 -17.64 9.03
N HIS D 188 33.44 -17.58 9.28
CA HIS D 188 32.71 -16.33 9.37
C HIS D 188 32.40 -15.99 10.83
N THR D 189 32.34 -14.69 11.11
CA THR D 189 31.86 -14.18 12.38
C THR D 189 30.48 -13.54 12.28
N GLY D 190 29.90 -13.48 11.08
CA GLY D 190 28.60 -12.88 10.88
C GLY D 190 27.70 -13.76 10.03
N ASP D 191 26.45 -13.32 9.89
CA ASP D 191 25.46 -14.06 9.11
C ASP D 191 25.86 -14.13 7.64
N VAL D 192 25.93 -15.34 7.11
CA VAL D 192 26.41 -15.54 5.74
C VAL D 192 25.23 -15.33 4.81
N MET D 193 25.22 -14.20 4.10
CA MET D 193 24.03 -13.79 3.36
C MET D 193 23.91 -14.50 2.02
N SER D 194 25.00 -14.62 1.27
CA SER D 194 24.87 -15.19 -0.07
C SER D 194 26.16 -15.89 -0.48
N LEU D 195 26.03 -16.73 -1.51
CA LEU D 195 27.17 -17.41 -2.10
C LEU D 195 27.07 -17.31 -3.61
N SER D 196 28.21 -17.49 -4.27
CA SER D 196 28.27 -17.53 -5.72
C SER D 196 29.27 -18.59 -6.15
N LEU D 197 28.83 -19.50 -7.02
CA LEU D 197 29.67 -20.57 -7.52
C LEU D 197 30.46 -20.11 -8.74
N ALA D 198 31.69 -20.60 -8.86
CA ALA D 198 32.51 -20.33 -10.02
C ALA D 198 31.96 -21.10 -11.22
N PRO D 199 32.24 -20.62 -12.45
CA PRO D 199 31.77 -21.36 -13.64
C PRO D 199 32.43 -22.73 -13.81
N ASP D 200 33.67 -22.91 -13.37
CA ASP D 200 34.30 -24.22 -13.41
C ASP D 200 34.01 -25.06 -12.18
N THR D 201 33.29 -24.52 -11.20
CA THR D 201 32.84 -25.17 -9.96
C THR D 201 33.99 -25.71 -9.11
N ARG D 202 35.19 -25.16 -9.27
CA ARG D 202 36.32 -25.57 -8.44
C ARG D 202 36.37 -24.78 -7.13
N LEU D 203 36.01 -23.51 -7.17
CA LEU D 203 35.98 -22.63 -6.01
C LEU D 203 34.58 -22.03 -5.89
N PHE D 204 34.32 -21.34 -4.79
CA PHE D 204 33.17 -20.45 -4.72
C PHE D 204 33.48 -19.31 -3.75
N VAL D 205 32.56 -18.35 -3.68
CA VAL D 205 32.72 -17.21 -2.78
C VAL D 205 31.49 -17.07 -1.91
N SER D 206 31.69 -16.53 -0.71
CA SER D 206 30.64 -16.34 0.27
C SER D 206 30.71 -14.91 0.79
N GLY D 207 29.60 -14.18 0.69
CA GLY D 207 29.48 -12.84 1.24
C GLY D 207 28.57 -12.87 2.46
N ALA D 208 29.06 -12.24 3.53
CA ALA D 208 28.47 -12.35 4.86
C ALA D 208 28.32 -10.97 5.49
N CYS D 209 27.83 -10.96 6.74
CA CYS D 209 27.59 -9.74 7.49
C CYS D 209 28.81 -9.24 8.26
N ASP D 210 29.96 -9.87 8.08
CA ASP D 210 31.17 -9.43 8.75
C ASP D 210 32.00 -8.46 7.91
N ALA D 211 31.36 -7.85 6.89
CA ALA D 211 31.99 -6.90 5.96
C ALA D 211 33.21 -7.49 5.25
N SER D 212 33.15 -8.79 4.95
CA SER D 212 34.24 -9.47 4.29
C SER D 212 33.69 -10.60 3.43
N ALA D 213 34.38 -10.87 2.33
CA ALA D 213 34.02 -11.97 1.44
C ALA D 213 35.12 -13.03 1.50
N LYS D 214 34.70 -14.29 1.46
CA LYS D 214 35.63 -15.41 1.54
C LYS D 214 35.64 -16.19 0.22
N LEU D 215 36.84 -16.57 -0.22
CA LEU D 215 37.03 -17.50 -1.32
C LEU D 215 37.21 -18.89 -0.74
N TRP D 216 36.20 -19.72 -0.83
CA TRP D 216 36.24 -21.08 -0.31
C TRP D 216 36.62 -22.07 -1.40
N ASP D 217 37.48 -23.01 -1.04
CA ASP D 217 37.85 -24.12 -1.89
C ASP D 217 36.98 -25.33 -1.56
N VAL D 218 36.49 -26.00 -2.59
CA VAL D 218 35.53 -27.09 -2.41
C VAL D 218 36.25 -28.34 -1.92
N ARG D 219 37.35 -28.72 -2.58
CA ARG D 219 38.02 -29.97 -2.27
C ARG D 219 38.79 -29.89 -0.95
N GLU D 220 39.47 -28.76 -0.70
CA GLU D 220 40.29 -28.66 0.50
C GLU D 220 39.45 -28.38 1.73
N GLY D 221 38.48 -27.48 1.64
CA GLY D 221 37.61 -27.17 2.75
C GLY D 221 37.99 -25.97 3.57
N MET D 222 39.01 -25.22 3.17
CA MET D 222 39.43 -24.02 3.88
C MET D 222 39.35 -22.81 2.95
N CYS D 223 39.20 -21.63 3.54
CA CYS D 223 39.15 -20.40 2.77
C CYS D 223 40.56 -19.97 2.39
N ARG D 224 40.74 -19.61 1.11
CA ARG D 224 42.04 -19.17 0.62
C ARG D 224 42.25 -17.67 0.79
N GLN D 225 41.24 -16.87 0.45
CA GLN D 225 41.38 -15.42 0.38
C GLN D 225 40.25 -14.74 1.13
N THR D 226 40.59 -13.66 1.84
CA THR D 226 39.64 -12.89 2.63
C THR D 226 39.70 -11.44 2.16
N PHE D 227 38.53 -10.87 1.85
CA PHE D 227 38.46 -9.52 1.28
C PHE D 227 37.67 -8.64 2.24
N THR D 228 38.34 -7.64 2.80
CA THR D 228 37.77 -6.72 3.78
C THR D 228 37.84 -5.32 3.19
N GLY D 229 36.76 -4.91 2.53
CA GLY D 229 36.73 -3.59 1.92
C GLY D 229 35.43 -2.83 2.16
N HIS D 230 34.46 -3.49 2.77
CA HIS D 230 33.14 -2.90 2.99
C HIS D 230 33.01 -2.36 4.41
N GLU D 231 32.09 -1.41 4.57
CA GLU D 231 31.80 -0.81 5.86
C GLU D 231 30.65 -1.51 6.58
N SER D 232 29.70 -2.06 5.83
CA SER D 232 28.50 -2.66 6.42
C SER D 232 28.28 -4.07 5.90
N ASP D 233 27.09 -4.62 6.16
CA ASP D 233 26.80 -6.01 5.82
C ASP D 233 26.72 -6.21 4.31
N ILE D 234 27.39 -7.26 3.82
CA ILE D 234 27.37 -7.60 2.40
C ILE D 234 26.14 -8.46 2.14
N ASN D 235 25.29 -8.02 1.21
CA ASN D 235 24.05 -8.73 0.93
C ASN D 235 24.16 -9.71 -0.23
N ALA D 236 24.82 -9.34 -1.32
CA ALA D 236 24.87 -10.16 -2.51
C ALA D 236 26.29 -10.27 -3.04
N ILE D 237 26.51 -11.29 -3.87
CA ILE D 237 27.83 -11.55 -4.44
C ILE D 237 27.62 -12.33 -5.73
N CYS D 238 28.50 -12.08 -6.70
CA CYS D 238 28.41 -12.72 -8.01
C CYS D 238 29.78 -12.68 -8.68
N PHE D 239 30.06 -13.69 -9.49
CA PHE D 239 31.33 -13.76 -10.21
C PHE D 239 31.30 -12.98 -11.51
N PHE D 240 32.43 -12.37 -11.82
CA PHE D 240 32.72 -11.97 -13.18
C PHE D 240 32.82 -13.24 -14.04
N PRO D 241 32.36 -13.22 -15.30
CA PRO D 241 32.16 -14.48 -16.05
C PRO D 241 33.43 -15.28 -16.36
N ASN D 242 34.63 -14.72 -16.19
CA ASN D 242 35.82 -15.56 -16.35
C ASN D 242 36.15 -16.36 -15.10
N GLY D 243 35.68 -15.92 -13.93
CA GLY D 243 36.02 -16.55 -12.67
C GLY D 243 37.14 -15.89 -11.90
N ASN D 244 37.74 -14.83 -12.44
CA ASN D 244 38.88 -14.19 -11.81
C ASN D 244 38.50 -13.06 -10.87
N ALA D 245 37.37 -12.38 -11.12
CA ALA D 245 36.95 -11.27 -10.28
C ALA D 245 35.53 -11.52 -9.78
N PHE D 246 35.09 -10.70 -8.83
CA PHE D 246 33.72 -10.81 -8.33
C PHE D 246 33.29 -9.48 -7.73
N ALA D 247 31.99 -9.20 -7.81
CA ALA D 247 31.44 -7.96 -7.30
C ALA D 247 30.52 -8.22 -6.12
N THR D 248 30.57 -7.33 -5.13
CA THR D 248 29.77 -7.43 -3.92
C THR D 248 28.97 -6.16 -3.71
N GLY D 249 27.72 -6.32 -3.28
CA GLY D 249 26.88 -5.20 -2.89
C GLY D 249 26.65 -5.25 -1.39
N SER D 250 26.60 -4.07 -0.76
CA SER D 250 26.50 -3.97 0.68
C SER D 250 25.45 -2.94 1.07
N ASP D 251 25.24 -2.78 2.37
CA ASP D 251 24.23 -1.85 2.88
C ASP D 251 24.70 -0.40 2.93
N ASP D 252 25.97 -0.13 2.63
CA ASP D 252 26.49 1.23 2.64
C ASP D 252 26.38 1.91 1.28
N ALA D 253 25.45 1.45 0.43
CA ALA D 253 25.12 2.04 -0.88
C ALA D 253 26.31 2.06 -1.84
N THR D 254 27.27 1.14 -1.66
CA THR D 254 28.44 1.06 -2.51
C THR D 254 28.60 -0.38 -2.99
N CYS D 255 28.83 -0.54 -4.29
CA CYS D 255 29.26 -1.82 -4.82
C CYS D 255 30.79 -1.84 -4.88
N ARG D 256 31.38 -3.02 -4.75
CA ARG D 256 32.83 -3.15 -4.83
C ARG D 256 33.20 -4.36 -5.67
N LEU D 257 33.97 -4.11 -6.72
CA LEU D 257 34.54 -5.16 -7.56
C LEU D 257 35.93 -5.50 -7.03
N PHE D 258 36.06 -6.74 -6.55
CA PHE D 258 37.29 -7.34 -6.02
C PHE D 258 37.89 -8.28 -7.06
N ASP D 259 39.21 -8.47 -6.94
CA ASP D 259 39.96 -9.39 -7.80
C ASP D 259 40.60 -10.46 -6.93
N LEU D 260 40.63 -11.69 -7.45
CA LEU D 260 41.18 -12.80 -6.68
C LEU D 260 42.70 -12.82 -6.74
N ARG D 261 43.28 -12.63 -7.94
CA ARG D 261 44.73 -12.72 -8.08
C ARG D 261 45.43 -11.45 -7.59
N ALA D 262 44.78 -10.29 -7.71
CA ALA D 262 45.34 -9.08 -7.13
C ALA D 262 45.18 -9.05 -5.61
N ASP D 263 44.21 -9.81 -5.07
CA ASP D 263 43.98 -10.00 -3.63
C ASP D 263 43.65 -8.69 -2.93
N GLN D 264 43.03 -7.76 -3.65
CA GLN D 264 42.53 -6.52 -3.08
C GLN D 264 41.41 -5.99 -3.97
N GLU D 265 40.76 -4.93 -3.51
CA GLU D 265 39.66 -4.36 -4.27
C GLU D 265 40.15 -3.64 -5.51
N LEU D 266 39.39 -3.75 -6.59
CA LEU D 266 39.68 -3.00 -7.81
C LEU D 266 38.88 -1.71 -7.90
N MET D 267 37.56 -1.78 -7.76
CA MET D 267 36.74 -0.62 -8.10
C MET D 267 35.57 -0.46 -7.14
N THR D 268 35.24 0.80 -6.82
CA THR D 268 34.12 1.16 -5.97
C THR D 268 33.08 1.89 -6.80
N TYR D 269 31.85 1.38 -6.79
CA TYR D 269 30.72 1.97 -7.50
C TYR D 269 29.87 2.69 -6.46
N SER D 270 29.87 4.03 -6.50
CA SER D 270 29.17 4.81 -5.50
C SER D 270 28.66 6.10 -6.11
N HIS D 271 27.56 6.61 -5.55
CA HIS D 271 26.99 7.89 -5.95
C HIS D 271 26.48 8.60 -4.71
N ASP D 272 26.53 9.94 -4.74
CA ASP D 272 26.23 10.73 -3.55
C ASP D 272 24.74 10.74 -3.23
N ASN D 273 23.89 10.78 -4.25
CA ASN D 273 22.45 10.81 -4.04
C ASN D 273 21.87 9.45 -3.64
N ILE D 274 22.61 8.37 -3.81
CA ILE D 274 22.15 7.03 -3.48
C ILE D 274 22.64 6.69 -2.08
N ILE D 275 21.70 6.53 -1.15
CA ILE D 275 22.01 6.22 0.24
C ILE D 275 21.37 4.93 0.71
N CYS D 276 20.55 4.29 -0.12
CA CYS D 276 19.83 3.09 0.26
C CYS D 276 20.66 1.84 -0.03
N GLY D 277 20.24 0.72 0.56
CA GLY D 277 21.00 -0.52 0.49
C GLY D 277 20.96 -1.19 -0.87
N ILE D 278 21.69 -2.30 -0.96
CA ILE D 278 21.80 -3.10 -2.16
C ILE D 278 21.32 -4.51 -1.82
N THR D 279 20.55 -5.13 -2.71
CA THR D 279 20.03 -6.47 -2.46
C THR D 279 20.58 -7.53 -3.41
N SER D 280 20.80 -7.20 -4.68
CA SER D 280 21.20 -8.22 -5.63
C SER D 280 22.08 -7.58 -6.71
N VAL D 281 23.22 -8.22 -6.98
CA VAL D 281 24.12 -7.81 -8.05
C VAL D 281 24.36 -9.00 -8.97
N SER D 282 24.59 -8.70 -10.24
CA SER D 282 24.83 -9.72 -11.26
C SER D 282 25.46 -9.06 -12.48
N PHE D 283 26.44 -9.74 -13.07
CA PHE D 283 27.06 -9.26 -14.30
C PHE D 283 26.23 -9.65 -15.50
N SER D 284 26.66 -9.17 -16.67
CA SER D 284 26.09 -9.55 -17.95
C SER D 284 26.84 -10.78 -18.47
N LYS D 285 26.63 -11.12 -19.74
CA LYS D 285 27.35 -12.24 -20.34
C LYS D 285 28.81 -11.88 -20.59
N SER D 286 29.05 -10.69 -21.14
CA SER D 286 30.43 -10.26 -21.40
C SER D 286 31.12 -9.77 -20.14
N GLY D 287 30.37 -9.22 -19.20
CA GLY D 287 30.95 -8.64 -18.00
C GLY D 287 31.11 -7.13 -18.04
N ARG D 288 30.68 -6.47 -19.11
CA ARG D 288 30.82 -5.03 -19.23
C ARG D 288 29.82 -4.29 -18.36
N LEU D 289 28.62 -4.85 -18.19
CA LEU D 289 27.56 -4.20 -17.42
C LEU D 289 27.39 -4.92 -16.08
N LEU D 290 27.31 -4.15 -15.01
CA LEU D 290 26.99 -4.66 -13.68
C LEU D 290 25.59 -4.21 -13.31
N LEU D 291 24.72 -5.17 -13.00
CA LEU D 291 23.31 -4.90 -12.77
C LEU D 291 23.04 -5.02 -11.28
N ALA D 292 22.78 -3.89 -10.63
CA ALA D 292 22.67 -3.86 -9.17
C ALA D 292 21.27 -3.40 -8.77
N GLY D 293 20.57 -4.25 -8.03
CA GLY D 293 19.26 -3.91 -7.54
C GLY D 293 19.29 -3.24 -6.18
N TYR D 294 19.01 -1.94 -6.16
CA TYR D 294 19.14 -1.16 -4.94
C TYR D 294 17.85 -1.21 -4.13
N ASP D 295 17.89 -0.59 -2.95
CA ASP D 295 16.75 -0.60 -2.04
C ASP D 295 15.75 0.49 -2.38
N ASP D 296 16.18 1.57 -3.03
CA ASP D 296 15.28 2.67 -3.33
C ASP D 296 14.49 2.45 -4.61
N PHE D 297 13.80 1.31 -4.70
CA PHE D 297 12.70 1.02 -5.62
C PHE D 297 13.13 0.94 -7.09
N ASN D 298 14.42 0.81 -7.37
CA ASN D 298 14.88 0.76 -8.75
C ASN D 298 16.17 -0.04 -8.85
N CYS D 299 16.56 -0.35 -10.08
CA CYS D 299 17.83 -1.01 -10.35
C CYS D 299 18.74 -0.05 -11.12
N ASN D 300 20.04 -0.29 -11.05
CA ASN D 300 20.99 0.53 -11.78
C ASN D 300 21.94 -0.34 -12.60
N VAL D 301 22.24 0.15 -13.80
CA VAL D 301 23.12 -0.49 -14.75
C VAL D 301 24.42 0.29 -14.73
N TRP D 302 25.43 -0.23 -14.05
CA TRP D 302 26.74 0.39 -13.96
C TRP D 302 27.65 -0.12 -15.08
N ASP D 303 28.49 0.76 -15.60
CA ASP D 303 29.58 0.31 -16.47
C ASP D 303 30.70 -0.22 -15.58
N ALA D 304 31.09 -1.48 -15.79
CA ALA D 304 32.05 -2.12 -14.91
C ALA D 304 33.47 -1.60 -15.10
N LEU D 305 33.77 -1.00 -16.24
CA LEU D 305 35.10 -0.46 -16.51
C LEU D 305 35.22 1.03 -16.21
N LYS D 306 34.18 1.81 -16.51
CA LYS D 306 34.23 3.25 -16.35
C LYS D 306 33.64 3.75 -15.04
N ALA D 307 32.94 2.88 -14.29
CA ALA D 307 32.28 3.19 -13.01
C ALA D 307 31.27 4.34 -13.16
N ASP D 308 30.45 4.27 -14.19
CA ASP D 308 29.42 5.26 -14.45
C ASP D 308 28.08 4.56 -14.65
N ARG D 309 27.01 5.23 -14.22
CA ARG D 309 25.65 4.69 -14.33
C ARG D 309 25.22 4.72 -15.80
N ALA D 310 25.31 3.57 -16.46
CA ALA D 310 24.89 3.49 -17.86
C ALA D 310 23.38 3.48 -17.99
N GLY D 311 22.66 3.01 -16.98
CA GLY D 311 21.21 2.96 -17.10
C GLY D 311 20.50 2.82 -15.77
N VAL D 312 19.18 2.90 -15.83
CA VAL D 312 18.32 2.75 -14.65
C VAL D 312 17.14 1.89 -15.05
N LEU D 313 16.61 1.13 -14.08
CA LEU D 313 15.46 0.26 -14.27
C LEU D 313 14.46 0.50 -13.13
N ALA D 314 13.76 1.64 -13.19
CA ALA D 314 12.77 2.01 -12.19
C ALA D 314 11.39 1.47 -12.55
N GLY D 315 11.25 0.15 -12.43
CA GLY D 315 9.97 -0.49 -12.74
C GLY D 315 9.23 -1.17 -11.61
N HIS D 316 9.68 -1.05 -10.36
CA HIS D 316 9.06 -1.75 -9.24
C HIS D 316 8.51 -0.79 -8.19
N ASP D 317 7.26 -1.03 -7.78
CA ASP D 317 6.62 -0.23 -6.74
C ASP D 317 7.32 -0.37 -5.40
N ASN D 318 7.72 -1.59 -5.05
CA ASN D 318 8.39 -1.91 -3.80
C ASN D 318 9.82 -2.33 -4.12
N ARG D 319 10.69 -2.33 -3.09
CA ARG D 319 12.13 -2.57 -3.25
C ARG D 319 12.43 -3.85 -4.04
N VAL D 320 13.55 -3.83 -4.76
CA VAL D 320 13.95 -4.96 -5.58
C VAL D 320 14.70 -5.98 -4.74
N SER D 321 14.13 -7.17 -4.60
CA SER D 321 14.71 -8.20 -3.75
C SER D 321 15.78 -9.02 -4.46
N CYS D 322 15.55 -9.40 -5.72
CA CYS D 322 16.42 -10.32 -6.42
C CYS D 322 16.54 -9.92 -7.88
N LEU D 323 17.66 -10.31 -8.49
CA LEU D 323 17.97 -9.99 -9.88
C LEU D 323 18.66 -11.18 -10.51
N GLY D 324 18.33 -11.45 -11.78
CA GLY D 324 18.91 -12.58 -12.48
C GLY D 324 19.10 -12.36 -13.96
N VAL D 325 20.19 -12.90 -14.50
CA VAL D 325 20.57 -12.74 -15.90
C VAL D 325 20.64 -14.13 -16.52
N THR D 326 20.11 -14.26 -17.74
CA THR D 326 20.15 -15.52 -18.47
C THR D 326 21.59 -15.87 -18.85
N ASP D 327 21.79 -17.14 -19.21
CA ASP D 327 23.12 -17.61 -19.57
C ASP D 327 23.55 -17.13 -20.95
N ASP D 328 22.61 -17.01 -21.88
CA ASP D 328 22.92 -16.40 -23.18
C ASP D 328 22.86 -14.88 -23.14
N GLY D 329 22.45 -14.28 -22.02
CA GLY D 329 22.48 -12.84 -21.88
C GLY D 329 21.31 -12.11 -22.51
N MET D 330 20.22 -12.81 -22.79
CA MET D 330 19.15 -12.21 -23.59
C MET D 330 18.26 -11.28 -22.78
N ALA D 331 17.86 -11.69 -21.58
CA ALA D 331 16.91 -10.92 -20.78
C ALA D 331 17.39 -10.84 -19.34
N VAL D 332 16.85 -9.85 -18.61
CA VAL D 332 17.19 -9.62 -17.21
C VAL D 332 15.90 -9.60 -16.40
N ALA D 333 15.76 -10.52 -15.46
CA ALA D 333 14.53 -10.62 -14.67
C ALA D 333 14.78 -10.13 -13.25
N THR D 334 13.97 -9.18 -12.82
CA THR D 334 14.05 -8.62 -11.47
C THR D 334 12.77 -8.95 -10.71
N GLY D 335 12.95 -9.47 -9.49
CA GLY D 335 11.85 -9.75 -8.60
C GLY D 335 11.88 -8.83 -7.39
N SER D 336 10.74 -8.23 -7.10
CA SER D 336 10.61 -7.23 -6.05
C SER D 336 9.54 -7.65 -5.05
N TRP D 337 9.39 -6.83 -4.01
CA TRP D 337 8.44 -7.13 -2.95
C TRP D 337 7.02 -6.66 -3.24
N ASP D 338 6.71 -6.27 -4.47
CA ASP D 338 5.34 -5.89 -4.83
C ASP D 338 4.61 -7.03 -5.54
N SER D 339 5.13 -8.26 -5.43
CA SER D 339 4.58 -9.48 -6.03
C SER D 339 4.54 -9.40 -7.56
N PHE D 340 5.58 -8.82 -8.16
CA PHE D 340 5.71 -8.81 -9.61
C PHE D 340 7.11 -9.23 -10.01
N LEU D 341 7.19 -9.93 -11.14
CA LEU D 341 8.46 -10.25 -11.81
C LEU D 341 8.52 -9.46 -13.10
N LYS D 342 9.54 -8.61 -13.24
CA LYS D 342 9.70 -7.79 -14.43
C LYS D 342 10.85 -8.33 -15.27
N ILE D 343 10.58 -8.65 -16.52
CA ILE D 343 11.60 -9.08 -17.46
C ILE D 343 11.93 -7.90 -18.36
N TRP D 344 13.20 -7.52 -18.39
CA TRP D 344 13.69 -6.34 -19.10
C TRP D 344 14.59 -6.80 -20.24
N ASN D 345 14.50 -6.09 -21.36
CA ASN D 345 15.40 -6.36 -22.49
C ASN D 345 15.63 -5.07 -23.25
N GLY D 346 16.81 -4.94 -23.84
CA GLY D 346 17.14 -3.75 -24.59
C GLY D 346 16.50 -3.73 -25.96
N SER D 347 16.24 -2.51 -26.45
CA SER D 347 15.62 -2.30 -27.74
C SER D 347 16.52 -1.41 -28.61
N SER D 348 16.41 -1.59 -29.92
CA SER D 348 17.15 -0.78 -30.87
C SER D 348 16.40 -0.64 -32.18
N THR E 6 41.00 -22.18 27.01
CA THR E 6 39.62 -21.74 26.82
C THR E 6 39.29 -21.68 25.33
N ALA E 7 38.06 -21.25 25.02
CA ALA E 7 37.65 -21.12 23.64
C ALA E 7 38.27 -19.90 22.97
N SER E 8 38.58 -18.85 23.75
CA SER E 8 39.11 -17.62 23.17
C SER E 8 40.52 -17.79 22.65
N ILE E 9 41.38 -18.51 23.40
CA ILE E 9 42.74 -18.74 22.93
C ILE E 9 42.75 -19.70 21.74
N ALA E 10 41.82 -20.64 21.68
CA ALA E 10 41.73 -21.53 20.53
C ALA E 10 41.25 -20.77 19.29
N GLN E 11 40.29 -19.86 19.47
CA GLN E 11 39.84 -19.02 18.36
C GLN E 11 40.95 -18.09 17.87
N ALA E 12 41.76 -17.57 18.80
CA ALA E 12 42.88 -16.71 18.41
C ALA E 12 43.95 -17.49 17.67
N ARG E 13 44.22 -18.73 18.10
CA ARG E 13 45.18 -19.57 17.39
C ARG E 13 44.66 -19.95 16.01
N LYS E 14 43.35 -20.18 15.87
CA LYS E 14 42.77 -20.44 14.56
C LYS E 14 42.86 -19.22 13.65
N LEU E 15 42.68 -18.02 14.22
CA LEU E 15 42.83 -16.79 13.43
C LEU E 15 44.28 -16.58 12.99
N VAL E 16 45.24 -16.86 13.87
CA VAL E 16 46.65 -16.73 13.51
C VAL E 16 47.05 -17.74 12.45
N GLU E 17 46.56 -18.98 12.56
CA GLU E 17 46.83 -20.00 11.55
C GLU E 17 46.18 -19.65 10.22
N GLN E 18 44.98 -19.06 10.26
CA GLN E 18 44.31 -18.65 9.03
C GLN E 18 45.04 -17.50 8.36
N LEU E 19 45.55 -16.54 9.14
CA LEU E 19 46.35 -15.46 8.56
C LEU E 19 47.67 -15.97 8.01
N LYS E 20 48.28 -16.99 8.65
CA LYS E 20 49.48 -17.60 8.09
C LYS E 20 49.19 -18.33 6.79
N MET E 21 48.02 -18.96 6.67
CA MET E 21 47.64 -19.59 5.41
C MET E 21 47.35 -18.55 4.33
N GLU E 22 46.71 -17.44 4.70
CA GLU E 22 46.37 -16.40 3.74
C GLU E 22 47.53 -15.48 3.39
N ALA E 23 48.63 -15.54 4.12
CA ALA E 23 49.75 -14.64 3.87
C ALA E 23 50.70 -15.17 2.80
N ASN E 24 50.96 -16.48 2.79
CA ASN E 24 51.89 -17.07 1.84
C ASN E 24 51.15 -17.50 0.57
N ILE E 25 50.72 -16.51 -0.19
CA ILE E 25 50.02 -16.72 -1.45
C ILE E 25 50.74 -15.97 -2.56
N ASP E 26 50.61 -16.48 -3.78
CA ASP E 26 51.16 -15.82 -4.95
C ASP E 26 50.24 -14.68 -5.37
N ARG E 27 50.81 -13.50 -5.60
CA ARG E 27 50.05 -12.32 -5.97
C ARG E 27 50.53 -11.77 -7.30
N ILE E 28 49.59 -11.46 -8.17
CA ILE E 28 49.86 -10.90 -9.49
C ILE E 28 49.61 -9.39 -9.40
N LYS E 29 50.34 -8.62 -10.19
CA LYS E 29 50.17 -7.17 -10.22
C LYS E 29 48.79 -6.79 -10.74
N VAL E 30 48.36 -5.58 -10.34
CA VAL E 30 47.00 -5.12 -10.63
C VAL E 30 46.84 -4.85 -12.12
N SER E 31 47.88 -4.32 -12.76
CA SER E 31 47.81 -3.92 -14.17
C SER E 31 47.63 -5.11 -15.10
N LYS E 32 48.31 -6.23 -14.80
CA LYS E 32 48.22 -7.40 -15.67
C LYS E 32 46.83 -8.05 -15.62
N ALA E 33 46.30 -8.24 -14.42
CA ALA E 33 44.97 -8.83 -14.29
C ALA E 33 43.88 -7.88 -14.77
N ALA E 34 44.08 -6.56 -14.58
CA ALA E 34 43.13 -5.59 -15.09
C ALA E 34 43.14 -5.56 -16.62
N ALA E 35 44.32 -5.70 -17.23
CA ALA E 35 44.41 -5.82 -18.68
C ALA E 35 43.79 -7.11 -19.18
N ASP E 36 43.87 -8.18 -18.38
CA ASP E 36 43.19 -9.43 -18.73
C ASP E 36 41.68 -9.27 -18.70
N LEU E 37 41.16 -8.54 -17.71
CA LEU E 37 39.73 -8.26 -17.66
C LEU E 37 39.28 -7.37 -18.82
N MET E 38 40.11 -6.38 -19.17
CA MET E 38 39.84 -5.55 -20.35
C MET E 38 39.85 -6.37 -21.63
N ALA E 39 40.77 -7.33 -21.73
CA ALA E 39 40.85 -8.19 -22.92
C ALA E 39 39.63 -9.10 -23.00
N TYR E 40 39.14 -9.59 -21.85
CA TYR E 40 37.95 -10.44 -21.84
C TYR E 40 36.71 -9.64 -22.25
N CYS E 41 36.59 -8.40 -21.74
CA CYS E 41 35.46 -7.54 -22.09
C CYS E 41 35.50 -7.13 -23.55
N GLU E 42 36.71 -6.87 -24.08
CA GLU E 42 36.82 -6.46 -25.48
C GLU E 42 36.59 -7.64 -26.42
N ALA E 43 37.03 -8.84 -26.01
CA ALA E 43 36.85 -10.01 -26.86
C ALA E 43 35.41 -10.48 -26.91
N HIS E 44 34.69 -10.39 -25.79
CA HIS E 44 33.32 -10.89 -25.75
C HIS E 44 32.27 -9.78 -25.87
N ALA E 45 32.67 -8.61 -26.37
CA ALA E 45 31.74 -7.47 -26.45
C ALA E 45 30.68 -7.68 -27.52
N LYS E 46 31.03 -8.32 -28.63
CA LYS E 46 30.10 -8.44 -29.75
C LYS E 46 28.98 -9.44 -29.46
N GLU E 47 29.30 -10.54 -28.78
CA GLU E 47 28.32 -11.58 -28.52
C GLU E 47 27.33 -11.22 -27.42
N ASP E 48 27.61 -10.20 -26.63
CA ASP E 48 26.71 -9.83 -25.54
C ASP E 48 25.44 -9.19 -26.08
N PRO E 49 24.25 -9.68 -25.69
CA PRO E 49 23.01 -9.06 -26.17
C PRO E 49 22.65 -7.77 -25.46
N LEU E 50 23.14 -7.54 -24.24
CA LEU E 50 22.80 -6.33 -23.51
C LEU E 50 23.65 -5.15 -23.96
N LEU E 51 24.94 -5.39 -24.22
CA LEU E 51 25.81 -4.34 -24.72
C LEU E 51 25.51 -4.03 -26.19
N THR E 52 25.39 -5.07 -27.02
CA THR E 52 25.01 -4.92 -28.42
C THR E 52 23.60 -5.45 -28.60
N PRO E 53 22.61 -4.58 -28.86
CA PRO E 53 21.21 -5.04 -28.86
C PRO E 53 20.87 -5.93 -30.05
N VAL E 54 20.12 -6.98 -29.75
CA VAL E 54 19.69 -7.95 -30.77
C VAL E 54 18.59 -7.32 -31.62
N PRO E 55 18.58 -7.54 -32.95
CA PRO E 55 17.43 -7.11 -33.75
C PRO E 55 16.14 -7.82 -33.36
N ALA E 56 15.02 -7.22 -33.78
CA ALA E 56 13.69 -7.65 -33.32
C ALA E 56 13.31 -9.03 -33.83
N SER E 57 13.85 -9.44 -34.98
CA SER E 57 13.50 -10.74 -35.55
C SER E 57 14.08 -11.89 -34.73
N GLU E 58 15.35 -11.78 -34.34
CA GLU E 58 16.00 -12.84 -33.58
C GLU E 58 15.59 -12.85 -32.11
N ASN E 59 15.11 -11.73 -31.59
CA ASN E 59 14.70 -11.62 -30.19
C ASN E 59 13.45 -12.45 -29.92
N PRO E 60 13.49 -13.44 -29.03
CA PRO E 60 12.27 -14.22 -28.75
C PRO E 60 11.25 -13.45 -27.92
N PHE E 61 11.68 -12.58 -27.00
CA PHE E 61 10.75 -11.82 -26.18
C PHE E 61 10.04 -10.73 -26.97
N ARG E 62 10.60 -10.30 -28.10
CA ARG E 62 9.97 -9.29 -28.95
C ARG E 62 8.78 -9.87 -29.70
N GLN F 3 38.87 -2.23 6.30
CA GLN F 3 38.47 -3.04 7.45
C GLN F 3 37.98 -2.17 8.59
N VAL F 4 36.76 -2.43 9.04
CA VAL F 4 36.19 -1.68 10.15
C VAL F 4 36.84 -2.11 11.45
N GLN F 5 37.54 -1.19 12.10
CA GLN F 5 38.17 -1.48 13.38
C GLN F 5 37.97 -0.33 14.34
N LEU F 6 37.82 -0.67 15.62
CA LEU F 6 37.61 0.27 16.71
C LEU F 6 38.59 -0.06 17.81
N GLN F 7 39.30 0.96 18.29
CA GLN F 7 40.35 0.78 19.29
C GLN F 7 40.02 1.61 20.52
N GLU F 8 39.81 0.93 21.65
CA GLU F 8 39.53 1.60 22.91
C GLU F 8 40.82 1.96 23.63
N SER F 9 40.76 3.03 24.42
CA SER F 9 41.91 3.50 25.17
C SER F 9 41.43 4.16 26.45
N GLY F 10 42.19 4.00 27.52
CA GLY F 10 41.83 4.51 28.82
C GLY F 10 41.20 3.45 29.70
N GLY F 11 41.22 3.71 31.01
CA GLY F 11 40.70 2.79 31.99
C GLY F 11 41.74 2.43 33.04
N GLY F 12 41.67 1.19 33.51
CA GLY F 12 42.61 0.72 34.51
C GLY F 12 42.02 0.68 35.91
N LEU F 13 42.88 0.84 36.91
CA LEU F 13 42.45 0.81 38.30
C LEU F 13 42.19 2.23 38.78
N VAL F 14 40.97 2.50 39.23
CA VAL F 14 40.58 3.80 39.74
C VAL F 14 40.00 3.63 41.13
N GLN F 15 39.89 4.74 41.84
CA GLN F 15 39.31 4.89 43.16
C GLN F 15 37.80 5.12 43.06
N PRO F 16 37.01 4.74 44.06
CA PRO F 16 35.57 5.04 44.02
C PRO F 16 35.33 6.54 44.20
N GLY F 17 34.44 7.08 43.36
CA GLY F 17 34.21 8.51 43.33
C GLY F 17 35.22 9.29 42.52
N GLY F 18 36.11 8.63 41.79
CA GLY F 18 37.13 9.30 41.01
C GLY F 18 36.63 9.72 39.63
N SER F 19 37.59 9.93 38.74
CA SER F 19 37.31 10.39 37.39
C SER F 19 38.12 9.57 36.39
N LEU F 20 37.59 9.45 35.17
CA LEU F 20 38.19 8.63 34.15
C LEU F 20 37.69 9.09 32.78
N ARG F 21 38.55 8.98 31.78
CA ARG F 21 38.20 9.35 30.41
C ARG F 21 38.52 8.19 29.48
N LEU F 22 37.61 7.91 28.56
CA LEU F 22 37.72 6.80 27.62
C LEU F 22 37.70 7.34 26.19
N SER F 23 38.60 6.84 25.37
CA SER F 23 38.69 7.23 23.97
C SER F 23 38.45 6.02 23.07
N CYS F 24 37.87 6.27 21.91
CA CYS F 24 37.54 5.23 20.94
C CYS F 24 37.93 5.74 19.56
N ALA F 25 39.01 5.18 19.02
CA ALA F 25 39.51 5.54 17.70
C ALA F 25 38.88 4.63 16.65
N ALA F 26 38.40 5.24 15.57
CA ALA F 26 37.67 4.54 14.52
C ALA F 26 38.46 4.56 13.22
N SER F 27 38.68 3.39 12.63
CA SER F 27 39.38 3.31 11.36
C SER F 27 38.64 2.37 10.41
N GLY F 28 38.56 2.77 9.14
CA GLY F 28 38.04 1.92 8.10
C GLY F 28 36.65 2.25 7.60
N PHE F 29 36.03 3.34 8.07
CA PHE F 29 34.70 3.71 7.62
C PHE F 29 34.53 5.21 7.77
N THR F 30 33.41 5.71 7.22
CA THR F 30 33.04 7.10 7.40
C THR F 30 32.39 7.28 8.77
N PHE F 31 33.04 8.05 9.63
CA PHE F 31 32.67 8.12 11.05
C PHE F 31 31.36 8.87 11.28
N SER F 32 31.08 9.89 10.47
CA SER F 32 29.98 10.81 10.75
C SER F 32 28.60 10.25 10.40
N ASN F 33 28.52 9.09 9.74
CA ASN F 33 27.26 8.57 9.26
C ASN F 33 26.66 7.48 10.13
N TYR F 34 27.28 7.13 11.25
CA TYR F 34 26.83 5.99 12.05
C TYR F 34 26.51 6.42 13.48
N LYS F 35 25.33 6.04 13.93
CA LYS F 35 24.98 6.12 15.36
C LYS F 35 25.84 5.13 16.13
N MET F 36 26.42 5.58 17.25
CA MET F 36 27.32 4.71 18.01
C MET F 36 26.91 4.71 19.47
N ASN F 37 27.46 3.75 20.23
CA ASN F 37 27.03 3.52 21.60
C ASN F 37 28.10 2.79 22.39
N TRP F 38 27.84 2.63 23.69
CA TRP F 38 28.75 1.97 24.62
C TRP F 38 28.05 0.78 25.28
N VAL F 39 28.79 -0.33 25.38
CA VAL F 39 28.31 -1.57 26.01
C VAL F 39 29.25 -1.88 27.16
N ARG F 40 28.72 -2.40 28.25
CA ARG F 40 29.57 -2.85 29.35
C ARG F 40 29.29 -4.31 29.69
N GLN F 41 30.30 -4.97 30.22
CA GLN F 41 30.22 -6.37 30.64
C GLN F 41 30.80 -6.50 32.03
N ALA F 42 29.94 -6.74 33.01
CA ALA F 42 30.39 -6.95 34.37
C ALA F 42 31.02 -8.34 34.49
N PRO F 43 31.95 -8.53 35.45
CA PRO F 43 32.50 -9.87 35.68
C PRO F 43 31.46 -10.85 36.21
N GLY F 44 31.13 -11.85 35.41
CA GLY F 44 30.10 -12.81 35.76
C GLY F 44 28.71 -12.47 35.27
N LYS F 45 28.59 -11.50 34.35
CA LYS F 45 27.31 -11.10 33.80
C LYS F 45 27.42 -11.01 32.29
N GLY F 46 26.29 -10.68 31.65
CA GLY F 46 26.23 -10.49 30.21
C GLY F 46 26.39 -9.03 29.81
N LEU F 47 26.27 -8.80 28.50
CA LEU F 47 26.39 -7.45 27.94
C LEU F 47 25.13 -6.64 28.22
N GLU F 48 25.31 -5.33 28.37
CA GLU F 48 24.19 -4.42 28.53
C GLU F 48 24.56 -3.05 27.97
N TRP F 49 23.52 -2.33 27.55
CA TRP F 49 23.69 -1.01 26.96
C TRP F 49 23.95 0.05 28.03
N VAL F 50 24.77 1.04 27.69
CA VAL F 50 25.12 2.13 28.60
C VAL F 50 24.59 3.47 28.12
N SER F 51 25.05 3.93 26.96
CA SER F 51 24.68 5.24 26.44
C SER F 51 24.92 5.25 24.95
N ASP F 52 24.31 6.22 24.26
CA ASP F 52 24.49 6.30 22.81
C ASP F 52 24.63 7.76 22.37
N ILE F 53 25.00 7.93 21.10
CA ILE F 53 25.06 9.23 20.46
C ILE F 53 24.77 9.03 18.97
N SER F 54 24.04 9.99 18.39
CA SER F 54 23.61 9.93 17.01
C SER F 54 24.72 10.44 16.10
N GLN F 55 24.37 10.71 14.83
CA GLN F 55 25.36 11.13 13.85
C GLN F 55 25.85 12.56 14.12
N SER F 56 24.93 13.48 14.37
CA SER F 56 25.32 14.86 14.61
C SER F 56 25.71 15.10 16.06
N GLY F 57 25.12 14.35 16.99
CA GLY F 57 25.37 14.54 18.41
C GLY F 57 24.23 15.15 19.18
N ALA F 58 23.05 15.31 18.57
CA ALA F 58 21.90 15.88 19.27
C ALA F 58 21.18 14.83 20.10
N SER F 59 20.90 13.67 19.51
CA SER F 59 20.19 12.60 20.21
C SER F 59 21.15 11.88 21.13
N ILE F 60 21.04 12.14 22.43
CA ILE F 60 21.89 11.54 23.45
C ILE F 60 20.99 10.90 24.49
N SER F 61 21.20 9.62 24.77
CA SER F 61 20.46 8.92 25.80
C SER F 61 21.38 8.02 26.60
N TYR F 62 20.97 7.76 27.84
CA TYR F 62 21.75 7.04 28.83
C TYR F 62 20.92 5.92 29.43
N THR F 63 21.60 4.92 29.98
CA THR F 63 20.94 4.00 30.89
C THR F 63 20.72 4.71 32.22
N GLY F 64 19.52 4.52 32.80
CA GLY F 64 19.10 5.26 33.98
C GLY F 64 19.93 5.02 35.23
N SER F 65 20.66 3.91 35.29
CA SER F 65 21.54 3.67 36.43
C SER F 65 22.73 4.62 36.43
N VAL F 66 23.13 5.12 35.25
CA VAL F 66 24.24 6.05 35.12
C VAL F 66 23.78 7.36 34.46
N LYS F 67 22.48 7.64 34.48
CA LYS F 67 21.96 8.86 33.89
C LYS F 67 22.30 10.06 34.76
N GLY F 68 22.85 11.11 34.14
CA GLY F 68 23.32 12.25 34.87
C GLY F 68 24.73 12.13 35.42
N ARG F 69 25.40 11.00 35.18
CA ARG F 69 26.74 10.76 35.70
C ARG F 69 27.81 10.61 34.63
N PHE F 70 27.44 10.23 33.41
CA PHE F 70 28.41 10.04 32.34
C PHE F 70 28.20 11.10 31.26
N THR F 71 29.24 11.30 30.45
CA THR F 71 29.19 12.31 29.39
C THR F 71 29.77 11.71 28.12
N ILE F 72 28.92 11.45 27.13
CA ILE F 72 29.35 10.93 25.83
C ILE F 72 29.52 12.11 24.88
N SER F 73 30.57 12.05 24.04
CA SER F 73 30.84 13.14 23.10
C SER F 73 31.66 12.59 21.94
N ARG F 74 31.17 12.76 20.73
CA ARG F 74 31.89 12.31 19.55
C ARG F 74 32.57 13.50 18.86
N ASP F 75 33.65 13.21 18.15
CA ASP F 75 34.38 14.22 17.38
C ASP F 75 34.60 13.66 15.99
N ASN F 76 33.89 14.23 15.01
CA ASN F 76 33.94 13.74 13.65
C ASN F 76 35.23 14.13 12.94
N ALA F 77 35.76 15.33 13.25
CA ALA F 77 36.97 15.79 12.59
C ALA F 77 38.20 15.05 13.11
N LYS F 78 38.30 14.86 14.43
CA LYS F 78 39.39 14.09 14.99
C LYS F 78 39.11 12.60 15.00
N ASN F 79 37.87 12.20 14.63
CA ASN F 79 37.48 10.80 14.42
C ASN F 79 37.64 9.98 15.69
N THR F 80 37.04 10.47 16.78
CA THR F 80 37.23 9.82 18.08
C THR F 80 35.98 10.01 18.93
N LEU F 81 35.52 8.91 19.55
CA LEU F 81 34.45 8.98 20.54
C LEU F 81 35.05 9.08 21.93
N TYR F 82 34.39 9.82 22.81
CA TYR F 82 34.87 10.06 24.17
C TYR F 82 33.77 9.79 25.17
N LEU F 83 34.14 9.20 26.31
CA LEU F 83 33.25 9.01 27.44
C LEU F 83 33.93 9.52 28.70
N GLN F 84 33.31 10.49 29.36
CA GLN F 84 33.79 11.01 30.63
C GLN F 84 32.98 10.40 31.76
N MET F 85 33.67 9.88 32.78
CA MET F 85 33.06 9.12 33.86
C MET F 85 33.56 9.69 35.18
N ASN F 86 32.71 10.42 35.89
CA ASN F 86 33.06 10.96 37.19
C ASN F 86 32.08 10.49 38.26
N SER F 87 32.55 10.54 39.51
CA SER F 87 31.84 10.05 40.71
C SER F 87 31.46 8.58 40.54
N LEU F 88 32.47 7.74 40.41
CA LEU F 88 32.25 6.33 40.13
C LEU F 88 31.85 5.57 41.38
N LYS F 89 31.29 4.38 41.16
CA LYS F 89 30.88 3.46 42.21
C LYS F 89 31.62 2.13 42.03
N PRO F 90 31.77 1.35 43.11
CA PRO F 90 32.41 0.03 42.97
C PRO F 90 31.61 -0.99 42.16
N GLU F 91 30.35 -0.71 41.84
CA GLU F 91 29.54 -1.59 41.00
C GLU F 91 29.76 -1.33 39.51
N ASP F 92 30.64 -0.41 39.14
CA ASP F 92 30.86 -0.04 37.75
C ASP F 92 32.13 -0.65 37.16
N THR F 93 32.77 -1.56 37.88
CA THR F 93 33.94 -2.26 37.33
C THR F 93 33.50 -3.25 36.26
N ALA F 94 34.02 -3.09 35.04
CA ALA F 94 33.52 -3.81 33.90
C ALA F 94 34.51 -3.75 32.75
N VAL F 95 34.19 -4.50 31.69
CA VAL F 95 34.87 -4.40 30.40
C VAL F 95 34.00 -3.56 29.49
N TYR F 96 34.60 -2.54 28.88
CA TYR F 96 33.88 -1.54 28.11
C TYR F 96 34.13 -1.73 26.62
N TYR F 97 33.05 -1.58 25.83
CA TYR F 97 33.02 -1.86 24.41
C TYR F 97 32.45 -0.65 23.69
N CYS F 98 33.27 -0.04 22.84
CA CYS F 98 32.80 1.01 21.93
C CYS F 98 32.20 0.32 20.71
N ALA F 99 30.88 0.48 20.50
CA ALA F 99 30.18 -0.26 19.47
C ALA F 99 29.53 0.67 18.47
N ARG F 100 29.42 0.19 17.23
CA ARG F 100 28.83 0.92 16.13
C ARG F 100 27.59 0.19 15.62
N CYS F 101 26.53 0.94 15.36
CA CYS F 101 25.35 0.38 14.75
C CYS F 101 25.62 0.04 13.28
N PRO F 102 25.09 -1.08 12.77
CA PRO F 102 25.61 -1.61 11.50
C PRO F 102 25.15 -0.83 10.26
N ALA F 103 24.00 -0.18 10.31
CA ALA F 103 23.52 0.43 9.08
C ALA F 103 23.69 1.94 9.11
N PRO F 104 24.09 2.55 7.99
CA PRO F 104 24.14 4.01 7.92
C PRO F 104 22.77 4.63 7.72
N PHE F 105 22.63 5.87 8.21
CA PHE F 105 21.47 6.73 7.99
C PHE F 105 20.18 6.12 8.53
N THR F 106 20.27 5.49 9.71
CA THR F 106 19.11 4.88 10.32
C THR F 106 19.07 5.22 11.81
N ARG F 107 17.87 5.21 12.37
CA ARG F 107 17.66 5.52 13.77
C ARG F 107 17.79 4.31 14.69
N ASP F 108 17.66 3.10 14.16
CA ASP F 108 17.55 1.90 14.96
C ASP F 108 18.88 1.15 15.06
N CYS F 109 19.05 0.46 16.19
CA CYS F 109 20.22 -0.40 16.44
C CYS F 109 19.71 -1.73 16.95
N PHE F 110 19.76 -2.77 16.10
CA PHE F 110 19.12 -4.03 16.46
C PHE F 110 19.91 -4.85 17.47
N ASP F 111 21.11 -5.27 17.08
CA ASP F 111 21.82 -6.34 17.78
C ASP F 111 23.19 -5.88 18.26
N VAL F 112 23.27 -4.65 18.76
CA VAL F 112 24.49 -4.16 19.39
C VAL F 112 24.79 -4.98 20.65
N THR F 113 23.77 -5.22 21.47
CA THR F 113 23.93 -6.03 22.69
C THR F 113 23.68 -7.49 22.29
N SER F 114 24.69 -8.06 21.63
CA SER F 114 24.68 -9.47 21.25
C SER F 114 26.07 -10.05 21.46
N THR F 115 26.13 -11.37 21.59
CA THR F 115 27.34 -12.04 22.05
C THR F 115 28.45 -11.97 21.00
N THR F 116 28.13 -12.29 19.75
CA THR F 116 29.13 -12.39 18.69
C THR F 116 28.92 -11.27 17.65
N TYR F 117 28.68 -10.06 18.13
CA TYR F 117 28.58 -8.91 17.23
C TYR F 117 29.96 -8.58 16.68
N ALA F 118 30.03 -8.38 15.37
CA ALA F 118 31.31 -8.35 14.67
C ALA F 118 31.94 -6.97 14.57
N TYR F 119 31.20 -5.90 14.85
CA TYR F 119 31.71 -4.56 14.63
C TYR F 119 32.14 -3.83 15.90
N ARG F 120 31.96 -4.44 17.08
CA ARG F 120 32.40 -3.78 18.29
C ARG F 120 33.91 -3.94 18.46
N GLY F 121 34.48 -3.06 19.30
CA GLY F 121 35.90 -3.08 19.57
C GLY F 121 36.31 -4.15 20.56
N GLN F 122 37.62 -4.23 20.79
CA GLN F 122 38.15 -5.21 21.73
C GLN F 122 37.81 -4.86 23.18
N GLY F 123 37.79 -3.58 23.51
CA GLY F 123 37.34 -3.13 24.81
C GLY F 123 38.47 -2.84 25.77
N THR F 124 38.10 -2.31 26.93
CA THR F 124 39.09 -1.97 27.95
C THR F 124 38.57 -2.37 29.33
N GLN F 125 39.51 -2.63 30.24
CA GLN F 125 39.19 -3.06 31.60
C GLN F 125 39.16 -1.85 32.53
N VAL F 126 38.11 -1.75 33.35
CA VAL F 126 38.02 -0.71 34.37
C VAL F 126 37.69 -1.39 35.70
N THR F 127 38.57 -1.23 36.68
CA THR F 127 38.36 -1.77 38.02
C THR F 127 38.27 -0.61 39.01
N VAL F 128 37.16 -0.55 39.74
CA VAL F 128 36.84 0.58 40.60
C VAL F 128 36.85 0.05 42.03
N SER F 129 37.77 -0.88 42.31
CA SER F 129 37.90 -1.44 43.65
C SER F 129 38.43 -0.38 44.61
N SER F 130 38.02 -0.49 45.87
CA SER F 130 38.41 0.48 46.89
C SER F 130 39.89 0.35 47.25
N HIS F 131 40.39 -0.88 47.32
CA HIS F 131 41.80 -1.11 47.65
C HIS F 131 42.68 -0.97 46.41
#